data_9BVO
#
_entry.id   9BVO
#
_cell.length_a   1.00
_cell.length_b   1.00
_cell.length_c   1.00
_cell.angle_alpha   90.00
_cell.angle_beta   90.00
_cell.angle_gamma   90.00
#
_symmetry.space_group_name_H-M   'P 1'
#
loop_
_entity.id
_entity.type
_entity.pdbx_description
1 polymer 'Vitamin K-dependent gamma-carboxylase'
2 branched 2-acetamido-2-deoxy-beta-D-glucopyranose-(1-4)-2-acetamido-2-deoxy-beta-D-glucopyranose
3 non-polymer '(4S,7R)-4-HYDROXY-N,N,N-TRIMETHYL-9-OXO-7-[(PALMITOYLOXY)METHYL]-3,5,8-TRIOXA-4-PHOSPHAHEXACOSAN-1-AMINIUM 4-OXIDE'
4 non-polymer 2-acetamido-2-deoxy-beta-D-glucopyranose
#
_entity_poly.entity_id   1
_entity_poly.type   'polypeptide(L)'
_entity_poly.pdbx_seq_one_letter_code
;GPRQDSRIGKLLGFEWTDLSSWRRLVTLLNRPTDPASLAVFRFLFGFLMVLDIPQERGLSSLDRKYLDGLDVCRFPLLDA
LRPLPLDWMYLVYTIMFLGALGMMLGLCYRISCVLFLLPYWYVFLLDKTSWNNHSYLYGLLAFQLTFMDANHYWSVDGLL
NAHRRNAHVPLWNYAVLRGQIFIVYFIAGVKKLDADWVEGYSMEYLSRHWLFSPFKLLLSEELTSLLVVHWGGLLLDLSA
GFLLFFDVSRSIGLFFVSYFHCMNSQLFSIGMFSYVMLASSPLFCSPEWPRKLVSYCPRRLQQLLPLKAAPQPSVSCVYK
RSRGKSGQKPGLRHQLGAAFTLLYLLEQLFLPYSHFLTQGYNNWTNGLYGYSWDMMVHSRSHQHVKITYRDGRTGELGYL
NPGVFTQSRRWKDHADMLKQYATCLSRLLPKYNVTEPQIYFDIWVSINDRFQQRIFDPRVDIVQAAWSPFQRTSWVQPLL
MDLSPWRAKLQEIKSSLDNHTEVVFIADFPGLHLENFVSEDLGNTSIQLLQGEVTVELVAEQKNQTLREGEKMQLPAGEY
HKVYTTSPSPSCYMYVYVNTTELALEQDLAYLQELKEKVENGSETGPLPPELQPLLEGEVKGGPEPTPLVQTFLRRQQRL
QEIERRRNTPFHERFFRFLLRKLYVFRRSFLMTCISLRNLILGRPSLEQLAQEVTYANLRPFEAVGELNPSNTDSSHSNP
PESNPDPVHSEF
;
_entity_poly.pdbx_strand_id   A
#
# COMPACT_ATOMS: atom_id res chain seq x y z
N SER A 6 16.06 45.51 2.85
CA SER A 6 16.65 44.84 1.70
C SER A 6 15.68 43.81 1.13
N ARG A 7 15.68 43.68 -0.20
CA ARG A 7 14.82 42.72 -0.88
C ARG A 7 15.22 41.28 -0.61
N ILE A 8 16.51 41.05 -0.36
CA ILE A 8 17.00 39.69 -0.06
C ILE A 8 16.43 39.20 1.26
N GLY A 9 16.52 40.03 2.31
CA GLY A 9 15.92 39.67 3.58
C GLY A 9 14.40 39.76 3.58
N LYS A 10 13.82 40.53 2.66
CA LYS A 10 12.37 40.58 2.54
C LYS A 10 11.83 39.28 1.94
N LEU A 11 12.50 38.75 0.91
CA LEU A 11 12.00 37.55 0.25
C LEU A 11 12.47 36.28 0.95
N LEU A 12 13.79 36.13 1.13
CA LEU A 12 14.33 34.89 1.69
C LEU A 12 14.20 34.83 3.20
N GLY A 13 13.96 35.94 3.87
CA GLY A 13 13.81 35.95 5.32
C GLY A 13 15.09 35.91 6.11
N PHE A 14 16.26 35.91 5.46
CA PHE A 14 17.53 35.82 6.16
C PHE A 14 18.60 36.47 5.30
N GLU A 15 19.75 36.73 5.92
CA GLU A 15 20.88 37.36 5.26
C GLU A 15 22.03 36.37 5.14
N TRP A 16 22.97 36.69 4.24
CA TRP A 16 24.11 35.82 4.01
C TRP A 16 25.12 35.88 5.15
N THR A 17 25.22 37.04 5.82
CA THR A 17 26.28 37.25 6.80
C THR A 17 26.07 36.45 8.07
N ASP A 18 24.86 35.97 8.33
CA ASP A 18 24.64 35.05 9.44
C ASP A 18 25.16 33.65 9.14
N LEU A 19 25.29 33.30 7.86
CA LEU A 19 25.83 32.00 7.47
C LEU A 19 27.35 31.96 7.48
N SER A 20 28.02 33.10 7.71
CA SER A 20 29.47 33.14 7.65
C SER A 20 30.12 32.47 8.85
N SER A 21 29.47 32.50 10.01
CA SER A 21 30.05 31.97 11.24
C SER A 21 29.10 30.98 11.89
N TRP A 22 29.68 30.05 12.65
CA TRP A 22 28.89 29.10 13.43
C TRP A 22 28.07 29.81 14.51
N ARG A 23 28.69 30.78 15.20
CA ARG A 23 28.01 31.51 16.26
C ARG A 23 26.91 32.40 15.69
N ARG A 24 27.14 32.98 14.51
CA ARG A 24 26.11 33.81 13.87
C ARG A 24 24.92 32.97 13.43
N LEU A 25 25.17 31.77 12.91
CA LEU A 25 24.08 30.88 12.54
C LEU A 25 23.31 30.39 13.76
N VAL A 26 24.02 30.12 14.87
CA VAL A 26 23.37 29.73 16.11
C VAL A 26 22.49 30.85 16.66
N THR A 27 23.00 32.09 16.61
CA THR A 27 22.20 33.23 17.07
C THR A 27 21.04 33.52 16.12
N LEU A 28 21.20 33.21 14.83
CA LEU A 28 20.12 33.40 13.87
C LEU A 28 18.98 32.41 14.10
N LEU A 29 19.31 31.14 14.33
CA LEU A 29 18.31 30.09 14.36
C LEU A 29 17.46 30.07 15.63
N ASN A 30 17.74 30.93 16.62
CA ASN A 30 17.03 30.90 17.89
C ASN A 30 16.27 32.20 18.16
N ARG A 31 15.78 32.84 17.11
CA ARG A 31 14.93 34.02 17.29
C ARG A 31 13.54 33.61 17.78
N PRO A 32 13.00 34.28 18.79
CA PRO A 32 11.69 33.90 19.31
C PRO A 32 10.55 34.27 18.37
N THR A 33 9.44 33.54 18.49
CA THR A 33 8.28 33.73 17.65
C THR A 33 7.02 33.36 18.42
N ASP A 34 5.87 33.63 17.81
CA ASP A 34 4.58 33.36 18.45
C ASP A 34 4.20 31.88 18.31
N PRO A 35 3.67 31.26 19.36
CA PRO A 35 3.38 29.82 19.33
C PRO A 35 1.99 29.44 18.87
N ALA A 36 1.21 30.35 18.28
CA ALA A 36 -0.22 30.10 18.07
C ALA A 36 -0.48 29.03 17.01
N SER A 37 0.21 29.12 15.87
CA SER A 37 -0.02 28.16 14.79
C SER A 37 0.50 26.77 15.16
N LEU A 38 1.56 26.70 15.96
CA LEU A 38 2.04 25.40 16.46
C LEU A 38 1.02 24.76 17.39
N ALA A 39 0.37 25.56 18.23
CA ALA A 39 -0.67 25.03 19.11
C ALA A 39 -1.90 24.59 18.31
N VAL A 40 -2.24 25.33 17.26
CA VAL A 40 -3.36 24.94 16.38
C VAL A 40 -3.06 23.62 15.69
N PHE A 41 -1.83 23.47 15.18
CA PHE A 41 -1.42 22.22 14.55
C PHE A 41 -1.38 21.07 15.55
N ARG A 42 -0.96 21.34 16.79
CA ARG A 42 -0.96 20.32 17.83
C ARG A 42 -2.37 19.84 18.16
N PHE A 43 -3.31 20.77 18.30
CA PHE A 43 -4.70 20.41 18.59
C PHE A 43 -5.33 19.64 17.44
N LEU A 44 -5.08 20.07 16.20
CA LEU A 44 -5.63 19.38 15.04
C LEU A 44 -5.04 17.99 14.88
N PHE A 45 -3.73 17.85 15.11
CA PHE A 45 -3.07 16.54 15.01
C PHE A 45 -3.56 15.60 16.10
N GLY A 46 -3.75 16.11 17.32
CA GLY A 46 -4.28 15.28 18.39
C GLY A 46 -5.70 14.81 18.14
N PHE A 47 -6.57 15.72 17.67
CA PHE A 47 -7.94 15.34 17.37
C PHE A 47 -8.02 14.35 16.21
N LEU A 48 -7.19 14.55 15.17
CA LEU A 48 -7.18 13.64 14.03
C LEU A 48 -6.63 12.27 14.41
N MET A 49 -5.61 12.23 15.27
CA MET A 49 -5.10 10.93 15.73
C MET A 49 -6.09 10.22 16.64
N VAL A 50 -6.84 10.97 17.47
CA VAL A 50 -7.87 10.37 18.31
C VAL A 50 -8.98 9.77 17.46
N LEU A 51 -9.38 10.48 16.40
CA LEU A 51 -10.37 9.93 15.48
C LEU A 51 -9.81 8.80 14.62
N ASP A 52 -8.49 8.78 14.40
CA ASP A 52 -7.88 7.82 13.47
C ASP A 52 -7.46 6.51 14.12
N ILE A 53 -7.23 6.50 15.44
CA ILE A 53 -6.76 5.27 16.11
C ILE A 53 -7.75 4.10 16.03
N PRO A 54 -9.03 4.24 16.38
CA PRO A 54 -9.90 3.04 16.39
C PRO A 54 -10.41 2.61 15.03
N GLN A 55 -9.94 3.18 13.93
CA GLN A 55 -10.43 2.81 12.60
C GLN A 55 -9.42 2.03 11.78
N GLU A 56 -8.20 2.53 11.64
CA GLU A 56 -7.22 1.94 10.74
C GLU A 56 -6.16 1.10 11.45
N ARG A 57 -5.78 1.47 12.68
CA ARG A 57 -4.69 0.79 13.37
C ARG A 57 -5.07 -0.60 13.87
N GLY A 58 -6.35 -0.94 13.88
CA GLY A 58 -6.79 -2.27 14.26
C GLY A 58 -7.27 -2.42 15.68
N LEU A 59 -7.79 -1.37 16.30
CA LEU A 59 -8.34 -1.49 17.64
C LEU A 59 -9.63 -2.32 17.65
N SER A 60 -10.43 -2.22 16.59
CA SER A 60 -11.63 -3.03 16.48
C SER A 60 -11.30 -4.47 16.12
N SER A 61 -10.34 -4.68 15.21
CA SER A 61 -10.00 -6.00 14.71
C SER A 61 -8.80 -6.60 15.43
N LEU A 62 -8.60 -6.23 16.69
CA LEU A 62 -7.47 -6.76 17.45
C LEU A 62 -7.70 -8.21 17.86
N ASP A 63 -8.96 -8.62 18.03
CA ASP A 63 -9.26 -9.93 18.56
C ASP A 63 -9.03 -11.07 17.57
N ARG A 64 -9.00 -10.77 16.27
CA ARG A 64 -8.79 -11.79 15.26
C ARG A 64 -7.43 -11.71 14.59
N LYS A 65 -6.57 -10.79 15.03
CA LYS A 65 -5.21 -10.68 14.50
C LYS A 65 -4.19 -11.42 15.34
N TYR A 66 -4.38 -11.42 16.66
CA TYR A 66 -3.48 -12.12 17.59
C TYR A 66 -4.27 -13.06 18.48
N LEU A 67 -5.22 -13.78 17.89
CA LEU A 67 -6.00 -14.75 18.64
C LEU A 67 -5.13 -15.93 19.06
N ASP A 68 -5.33 -16.40 20.29
CA ASP A 68 -4.54 -17.50 20.82
C ASP A 68 -4.94 -18.82 20.18
N GLY A 69 -4.03 -19.79 20.26
CA GLY A 69 -4.27 -21.11 19.71
C GLY A 69 -3.84 -21.25 18.26
N LEU A 70 -4.48 -20.49 17.36
CA LEU A 70 -4.15 -20.55 15.95
C LEU A 70 -2.85 -19.80 15.70
N ASP A 71 -1.80 -20.52 15.31
CA ASP A 71 -0.50 -19.92 15.07
C ASP A 71 -0.42 -19.37 13.65
N VAL A 72 0.02 -18.12 13.53
CA VAL A 72 0.18 -17.45 12.24
C VAL A 72 1.65 -17.04 12.11
N CYS A 73 2.22 -17.25 10.93
CA CYS A 73 3.61 -16.89 10.67
C CYS A 73 3.74 -15.37 10.63
N ARG A 74 4.43 -14.81 11.63
CA ARG A 74 4.63 -13.38 11.70
C ARG A 74 5.72 -12.94 10.73
N PHE A 75 5.76 -11.63 10.46
CA PHE A 75 6.78 -11.02 9.61
C PHE A 75 7.38 -9.81 10.30
N PRO A 76 8.25 -10.01 11.30
CA PRO A 76 8.89 -8.88 11.96
C PRO A 76 10.17 -8.45 11.27
N LEU A 77 10.60 -7.23 11.58
CA LEU A 77 11.90 -6.76 11.10
C LEU A 77 13.04 -7.47 11.80
N LEU A 78 12.93 -7.64 13.12
CA LEU A 78 13.91 -8.36 13.92
C LEU A 78 13.30 -9.67 14.39
N ASP A 79 14.10 -10.75 14.30
CA ASP A 79 13.61 -12.08 14.63
C ASP A 79 13.33 -12.26 16.12
N ALA A 80 13.92 -11.44 16.98
CA ALA A 80 13.69 -11.56 18.42
C ALA A 80 12.31 -11.06 18.84
N LEU A 81 11.66 -10.26 18.00
CA LEU A 81 10.37 -9.70 18.35
C LEU A 81 9.27 -10.75 18.34
N ARG A 82 8.53 -10.86 19.44
CA ARG A 82 7.40 -11.76 19.57
C ARG A 82 6.28 -10.99 20.25
N PRO A 83 5.06 -11.01 19.71
CA PRO A 83 3.98 -10.21 20.29
C PRO A 83 3.51 -10.75 21.64
N LEU A 84 2.97 -9.84 22.43
CA LEU A 84 2.39 -10.13 23.73
C LEU A 84 1.00 -10.74 23.57
N PRO A 85 0.48 -11.42 24.61
CA PRO A 85 -0.92 -11.90 24.58
C PRO A 85 -1.96 -10.78 24.49
N LEU A 86 -3.23 -11.19 24.37
CA LEU A 86 -4.30 -10.28 23.96
C LEU A 86 -4.57 -9.19 25.00
N ASP A 87 -4.54 -9.53 26.29
CA ASP A 87 -4.78 -8.55 27.34
C ASP A 87 -3.67 -7.50 27.41
N TRP A 88 -2.42 -7.93 27.23
CA TRP A 88 -1.30 -7.00 27.24
C TRP A 88 -1.31 -6.10 26.01
N MET A 89 -1.71 -6.65 24.86
CA MET A 89 -1.82 -5.82 23.65
C MET A 89 -2.95 -4.79 23.77
N TYR A 90 -4.07 -5.19 24.39
CA TYR A 90 -5.14 -4.23 24.66
C TYR A 90 -4.70 -3.16 25.66
N LEU A 91 -3.88 -3.55 26.64
CA LEU A 91 -3.32 -2.57 27.58
C LEU A 91 -2.37 -1.62 26.87
N VAL A 92 -1.59 -2.12 25.91
CA VAL A 92 -0.68 -1.28 25.13
C VAL A 92 -1.46 -0.28 24.28
N TYR A 93 -2.55 -0.73 23.65
CA TYR A 93 -3.39 0.19 22.88
C TYR A 93 -4.12 1.18 23.78
N THR A 94 -4.49 0.77 25.00
CA THR A 94 -5.08 1.70 25.95
C THR A 94 -4.09 2.78 26.39
N ILE A 95 -2.83 2.38 26.62
CA ILE A 95 -1.78 3.34 26.97
C ILE A 95 -1.52 4.30 25.81
N MET A 96 -1.52 3.78 24.58
CA MET A 96 -1.33 4.63 23.41
C MET A 96 -2.50 5.60 23.22
N PHE A 97 -3.73 5.16 23.50
CA PHE A 97 -4.87 6.05 23.38
C PHE A 97 -4.87 7.11 24.48
N LEU A 98 -4.43 6.74 25.69
CA LEU A 98 -4.29 7.71 26.77
C LEU A 98 -3.23 8.75 26.44
N GLY A 99 -2.11 8.33 25.85
CA GLY A 99 -1.11 9.27 25.41
C GLY A 99 -1.58 10.17 24.28
N ALA A 100 -2.40 9.62 23.38
CA ALA A 100 -3.00 10.42 22.32
C ALA A 100 -3.96 11.47 22.88
N LEU A 101 -4.74 11.08 23.89
CA LEU A 101 -5.64 12.03 24.54
C LEU A 101 -4.86 13.12 25.29
N GLY A 102 -3.76 12.74 25.93
CA GLY A 102 -2.92 13.72 26.60
C GLY A 102 -2.25 14.68 25.63
N MET A 103 -1.84 14.19 24.46
CA MET A 103 -1.31 15.08 23.44
C MET A 103 -2.40 15.94 22.82
N MET A 104 -3.64 15.45 22.77
CA MET A 104 -4.73 16.24 22.22
C MET A 104 -5.11 17.38 23.15
N LEU A 105 -5.20 17.12 24.46
CA LEU A 105 -5.61 18.17 25.38
C LEU A 105 -4.46 19.07 25.82
N GLY A 106 -3.22 18.71 25.49
CA GLY A 106 -2.07 19.54 25.81
C GLY A 106 -1.75 19.65 27.28
N LEU A 107 -1.92 18.57 28.03
CA LEU A 107 -1.60 18.51 29.46
C LEU A 107 -0.59 17.40 29.69
N CYS A 108 0.49 17.74 30.41
CA CYS A 108 1.65 16.87 30.64
C CYS A 108 2.25 16.40 29.31
N TYR A 109 2.76 17.39 28.58
CA TYR A 109 3.08 17.25 27.16
C TYR A 109 4.20 16.24 26.91
N ARG A 110 5.24 16.26 27.74
CA ARG A 110 6.38 15.38 27.53
C ARG A 110 6.02 13.91 27.76
N ILE A 111 5.31 13.64 28.85
CA ILE A 111 4.92 12.26 29.18
C ILE A 111 3.90 11.74 28.17
N SER A 112 3.00 12.62 27.71
CA SER A 112 2.04 12.26 26.67
C SER A 112 2.74 11.94 25.35
N CYS A 113 3.74 12.74 24.98
CA CYS A 113 4.48 12.49 23.75
C CYS A 113 5.28 11.19 23.83
N VAL A 114 5.84 10.87 25.01
CA VAL A 114 6.56 9.61 25.18
C VAL A 114 5.60 8.43 25.10
N LEU A 115 4.44 8.54 25.76
CA LEU A 115 3.45 7.47 25.77
C LEU A 115 2.72 7.34 24.44
N PHE A 116 2.81 8.33 23.56
CA PHE A 116 2.36 8.14 22.18
C PHE A 116 3.46 7.63 21.26
N LEU A 117 4.72 8.01 21.52
CA LEU A 117 5.82 7.63 20.64
C LEU A 117 6.24 6.17 20.80
N LEU A 118 6.14 5.64 22.03
CA LEU A 118 6.61 4.26 22.25
C LEU A 118 5.74 3.19 21.59
N PRO A 119 4.43 3.08 21.87
CA PRO A 119 3.69 1.93 21.32
C PRO A 119 3.43 2.04 19.82
N TYR A 120 3.39 3.25 19.27
CA TYR A 120 3.19 3.39 17.83
C TYR A 120 4.41 2.89 17.06
N TRP A 121 5.60 3.22 17.54
CA TRP A 121 6.82 2.66 16.95
C TRP A 121 6.92 1.16 17.18
N TYR A 122 6.43 0.67 18.33
CA TYR A 122 6.44 -0.76 18.60
C TYR A 122 5.54 -1.52 17.62
N VAL A 123 4.33 -1.00 17.39
CA VAL A 123 3.39 -1.63 16.46
C VAL A 123 3.90 -1.51 15.03
N PHE A 124 4.51 -0.37 14.68
CA PHE A 124 5.03 -0.19 13.31
C PHE A 124 6.21 -1.11 13.03
N LEU A 125 7.05 -1.37 14.03
CA LEU A 125 8.11 -2.35 13.85
C LEU A 125 7.64 -3.78 14.00
N LEU A 126 6.45 -4.00 14.56
CA LEU A 126 5.96 -5.37 14.76
C LEU A 126 5.47 -6.01 13.46
N ASP A 127 5.02 -5.22 12.49
CA ASP A 127 4.40 -5.75 11.28
C ASP A 127 5.03 -5.11 10.05
N LYS A 128 5.42 -5.93 9.08
CA LYS A 128 5.92 -5.45 7.80
C LYS A 128 4.87 -5.42 6.71
N THR A 129 3.82 -6.23 6.82
CA THR A 129 2.79 -6.28 5.78
C THR A 129 1.88 -5.07 5.77
N SER A 130 1.82 -4.33 6.89
CA SER A 130 0.95 -3.17 7.01
C SER A 130 1.70 -1.85 6.92
N TRP A 131 2.90 -1.86 6.35
CA TRP A 131 3.65 -0.62 6.15
C TRP A 131 3.00 0.23 5.06
N ASN A 132 3.02 1.54 5.27
CA ASN A 132 2.47 2.48 4.31
C ASN A 132 3.18 3.82 4.49
N ASN A 133 2.75 4.81 3.71
CA ASN A 133 3.35 6.14 3.81
C ASN A 133 2.82 6.90 5.02
N HIS A 134 1.54 6.73 5.34
CA HIS A 134 0.93 7.56 6.38
C HIS A 134 1.38 7.16 7.78
N SER A 135 1.62 5.87 8.03
CA SER A 135 2.12 5.46 9.34
C SER A 135 3.55 5.96 9.57
N TYR A 136 4.38 5.92 8.51
CA TYR A 136 5.74 6.45 8.61
C TYR A 136 5.73 7.96 8.81
N LEU A 137 4.81 8.65 8.13
CA LEU A 137 4.67 10.09 8.33
C LEU A 137 4.19 10.42 9.74
N TYR A 138 3.27 9.60 10.28
CA TYR A 138 2.80 9.81 11.65
C TYR A 138 3.92 9.59 12.67
N GLY A 139 4.75 8.56 12.45
CA GLY A 139 5.89 8.33 13.31
C GLY A 139 6.91 9.46 13.25
N LEU A 140 7.19 9.96 12.04
CA LEU A 140 8.12 11.08 11.89
C LEU A 140 7.58 12.35 12.53
N LEU A 141 6.28 12.63 12.36
CA LEU A 141 5.70 13.82 12.96
C LEU A 141 5.64 13.71 14.48
N ALA A 142 5.41 12.50 15.01
CA ALA A 142 5.45 12.30 16.45
C ALA A 142 6.86 12.51 17.00
N PHE A 143 7.87 11.98 16.32
CA PHE A 143 9.25 12.18 16.76
C PHE A 143 9.68 13.64 16.64
N GLN A 144 9.17 14.37 15.64
CA GLN A 144 9.48 15.79 15.53
C GLN A 144 8.79 16.60 16.62
N LEU A 145 7.50 16.35 16.85
CA LEU A 145 6.72 17.13 17.79
C LEU A 145 6.97 16.75 19.24
N THR A 146 7.65 15.62 19.50
CA THR A 146 8.01 15.26 20.87
C THR A 146 9.00 16.27 21.47
N PHE A 147 10.01 16.66 20.70
CA PHE A 147 11.06 17.54 21.23
C PHE A 147 10.61 18.99 21.35
N MET A 148 9.67 19.43 20.52
CA MET A 148 9.25 20.82 20.52
C MET A 148 8.34 21.11 21.70
N ASP A 149 8.10 22.40 21.94
CA ASP A 149 7.22 22.86 23.01
C ASP A 149 6.03 23.57 22.38
N ALA A 150 4.83 23.01 22.57
CA ALA A 150 3.61 23.56 21.98
C ALA A 150 2.52 23.80 23.03
N ASN A 151 2.89 23.84 24.30
CA ASN A 151 1.91 23.95 25.38
C ASN A 151 1.78 25.37 25.92
N HIS A 152 2.16 26.37 25.15
CA HIS A 152 2.16 27.75 25.62
C HIS A 152 0.92 28.54 25.22
N TYR A 153 -0.01 27.94 24.49
CA TYR A 153 -1.23 28.65 24.10
C TYR A 153 -2.37 27.67 23.94
N TRP A 154 -3.53 28.02 24.52
CA TRP A 154 -4.81 27.32 24.37
C TRP A 154 -4.72 25.86 24.83
N SER A 155 -4.37 25.68 26.10
CA SER A 155 -4.18 24.34 26.65
C SER A 155 -4.57 24.33 28.12
N VAL A 156 -4.77 23.12 28.64
CA VAL A 156 -5.09 22.94 30.05
C VAL A 156 -3.86 23.18 30.92
N ASP A 157 -2.66 23.08 30.33
CA ASP A 157 -1.43 23.33 31.07
C ASP A 157 -1.31 24.80 31.47
N GLY A 158 -1.89 25.71 30.68
CA GLY A 158 -1.95 27.10 31.08
C GLY A 158 -2.86 27.32 32.28
N LEU A 159 -3.98 26.59 32.33
CA LEU A 159 -4.87 26.68 33.47
C LEU A 159 -4.26 26.05 34.72
N LEU A 160 -3.53 24.95 34.56
CA LEU A 160 -2.89 24.28 35.69
C LEU A 160 -1.55 24.92 36.08
N ASN A 161 -0.98 25.77 35.22
CA ASN A 161 0.30 26.39 35.51
C ASN A 161 0.37 27.71 34.74
N ALA A 162 0.49 28.82 35.47
CA ALA A 162 0.58 30.13 34.84
C ALA A 162 1.96 30.42 34.25
N HIS A 163 2.98 29.64 34.62
CA HIS A 163 4.33 29.88 34.12
C HIS A 163 4.50 29.47 32.66
N ARG A 164 3.63 28.62 32.15
CA ARG A 164 3.75 28.09 30.79
C ARG A 164 2.57 28.54 29.93
N ARG A 165 2.15 29.79 30.09
CA ARG A 165 1.08 30.38 29.29
C ARG A 165 1.58 31.68 28.68
N ASN A 166 1.35 31.85 27.37
CA ASN A 166 1.75 33.01 26.57
C ASN A 166 3.26 33.24 26.63
N ALA A 167 3.99 32.25 26.13
CA ALA A 167 5.45 32.28 26.08
C ALA A 167 5.93 32.02 24.66
N HIS A 168 7.14 32.48 24.37
CA HIS A 168 7.68 32.41 23.01
C HIS A 168 8.31 31.05 22.73
N VAL A 169 8.48 30.76 21.44
CA VAL A 169 9.02 29.47 20.99
C VAL A 169 10.16 29.75 20.01
N PRO A 170 11.13 28.85 19.87
CA PRO A 170 12.22 29.07 18.90
C PRO A 170 11.76 28.83 17.47
N LEU A 171 12.62 29.27 16.53
CA LEU A 171 12.30 29.20 15.12
C LEU A 171 12.44 27.80 14.54
N TRP A 172 13.34 26.99 15.10
CA TRP A 172 13.63 25.68 14.52
C TRP A 172 12.48 24.69 14.68
N ASN A 173 11.58 24.92 15.65
CA ASN A 173 10.38 24.10 15.74
C ASN A 173 9.46 24.30 14.54
N TYR A 174 9.45 25.51 13.96
CA TYR A 174 8.73 25.73 12.72
C TYR A 174 9.56 25.24 11.53
N ALA A 175 10.88 25.41 11.61
CA ALA A 175 11.76 25.09 10.48
C ALA A 175 11.80 23.59 10.20
N VAL A 176 11.81 22.76 11.25
CA VAL A 176 11.85 21.31 11.08
C VAL A 176 10.58 20.80 10.41
N LEU A 177 9.42 21.29 10.86
CA LEU A 177 8.15 20.86 10.27
C LEU A 177 8.01 21.34 8.82
N ARG A 178 8.42 22.59 8.54
CA ARG A 178 8.38 23.09 7.16
C ARG A 178 9.32 22.32 6.25
N GLY A 179 10.53 22.00 6.75
CA GLY A 179 11.45 21.18 5.99
C GLY A 179 10.97 19.77 5.78
N GLN A 180 10.25 19.21 6.76
CA GLN A 180 9.70 17.86 6.60
C GLN A 180 8.60 17.82 5.54
N ILE A 181 7.70 18.81 5.55
CA ILE A 181 6.64 18.86 4.54
C ILE A 181 7.24 19.11 3.14
N PHE A 182 8.24 19.98 3.06
CA PHE A 182 8.92 20.24 1.79
C PHE A 182 9.67 19.01 1.30
N ILE A 183 10.30 18.26 2.22
CA ILE A 183 11.02 17.05 1.86
C ILE A 183 10.06 15.99 1.34
N VAL A 184 8.88 15.84 1.97
CA VAL A 184 7.89 14.85 1.54
C VAL A 184 7.39 15.20 0.13
N TYR A 185 7.02 16.47 -0.08
CA TYR A 185 6.54 16.92 -1.38
C TYR A 185 7.60 16.78 -2.47
N PHE A 186 8.84 17.19 -2.19
CA PHE A 186 9.90 17.17 -3.19
C PHE A 186 10.35 15.75 -3.50
N ILE A 187 10.39 14.88 -2.49
CA ILE A 187 10.79 13.49 -2.73
C ILE A 187 9.71 12.75 -3.52
N ALA A 188 8.43 13.04 -3.24
CA ALA A 188 7.35 12.47 -4.04
C ALA A 188 7.41 12.95 -5.49
N GLY A 189 7.69 14.25 -5.68
CA GLY A 189 7.81 14.79 -7.03
C GLY A 189 8.99 14.23 -7.80
N VAL A 190 10.13 14.07 -7.13
CA VAL A 190 11.32 13.57 -7.82
C VAL A 190 11.26 12.05 -8.00
N LYS A 191 10.49 11.34 -7.17
CA LYS A 191 10.29 9.91 -7.39
C LYS A 191 9.18 9.61 -8.39
N LYS A 192 8.34 10.59 -8.71
CA LYS A 192 7.36 10.39 -9.77
C LYS A 192 7.98 10.39 -11.17
N LEU A 193 9.25 10.78 -11.31
CA LEU A 193 9.93 10.78 -12.60
C LEU A 193 10.42 9.35 -12.91
N ASP A 194 9.48 8.52 -13.34
CA ASP A 194 9.73 7.13 -13.67
C ASP A 194 9.46 6.89 -15.15
N ALA A 195 10.09 5.84 -15.68
CA ALA A 195 9.93 5.51 -17.09
C ALA A 195 8.53 5.00 -17.40
N ASP A 196 7.88 4.33 -16.45
CA ASP A 196 6.51 3.88 -16.63
C ASP A 196 5.48 4.97 -16.32
N TRP A 197 5.88 6.04 -15.63
CA TRP A 197 4.97 7.12 -15.31
C TRP A 197 4.93 8.19 -16.39
N VAL A 198 6.02 8.37 -17.13
CA VAL A 198 6.02 9.32 -18.24
C VAL A 198 5.32 8.77 -19.48
N GLU A 199 5.02 7.48 -19.50
CA GLU A 199 4.28 6.87 -20.59
C GLU A 199 2.82 6.61 -20.26
N GLY A 200 2.39 6.93 -19.04
CA GLY A 200 0.99 6.87 -18.68
C GLY A 200 0.39 5.49 -18.52
N TYR A 201 1.22 4.44 -18.44
CA TYR A 201 0.66 3.09 -18.27
C TYR A 201 0.16 2.88 -16.86
N SER A 202 0.83 3.45 -15.86
CA SER A 202 0.40 3.29 -14.47
C SER A 202 -0.84 4.12 -14.19
N MET A 203 -1.79 3.51 -13.49
CA MET A 203 -3.05 4.14 -13.04
C MET A 203 -3.86 4.70 -14.21
N GLU A 204 -3.79 4.01 -15.35
CA GLU A 204 -4.47 4.47 -16.56
C GLU A 204 -5.98 4.27 -16.51
N TYR A 205 -6.45 3.36 -15.66
CA TYR A 205 -7.87 3.07 -15.53
C TYR A 205 -8.59 4.01 -14.57
N LEU A 206 -7.86 4.94 -13.94
CA LEU A 206 -8.46 5.85 -12.98
C LEU A 206 -9.30 6.95 -13.62
N SER A 207 -9.18 7.16 -14.94
CA SER A 207 -9.92 8.21 -15.62
C SER A 207 -11.40 7.88 -15.78
N ARG A 208 -11.81 6.64 -15.52
CA ARG A 208 -13.20 6.23 -15.66
C ARG A 208 -14.05 6.59 -14.45
N HIS A 209 -13.46 7.17 -13.41
CA HIS A 209 -14.21 7.50 -12.20
C HIS A 209 -15.12 8.70 -12.44
N TRP A 210 -16.26 8.71 -11.74
CA TRP A 210 -17.28 9.72 -11.98
C TRP A 210 -16.88 11.09 -11.43
N LEU A 211 -15.90 11.16 -10.53
CA LEU A 211 -15.42 12.44 -10.05
C LEU A 211 -14.65 13.21 -11.12
N PHE A 212 -14.20 12.52 -12.17
CA PHE A 212 -13.67 13.15 -13.37
C PHE A 212 -14.76 13.46 -14.40
N SER A 213 -16.02 13.53 -13.97
CA SER A 213 -17.13 13.73 -14.90
C SER A 213 -17.12 15.04 -15.70
N PRO A 214 -16.89 16.24 -15.13
CA PRO A 214 -16.81 17.42 -16.02
C PRO A 214 -15.54 17.47 -16.85
N PHE A 215 -14.49 16.74 -16.44
CA PHE A 215 -13.23 16.76 -17.17
C PHE A 215 -13.35 16.08 -18.53
N LYS A 216 -14.28 15.14 -18.66
CA LYS A 216 -14.58 14.54 -19.95
C LYS A 216 -15.39 15.47 -20.85
N LEU A 217 -15.99 16.53 -20.29
CA LEU A 217 -16.79 17.44 -21.09
C LEU A 217 -15.94 18.30 -22.02
N LEU A 218 -14.70 18.59 -21.63
CA LEU A 218 -13.84 19.45 -22.42
C LEU A 218 -12.64 18.72 -23.02
N LEU A 219 -12.34 17.51 -22.57
CA LEU A 219 -11.21 16.75 -23.09
C LEU A 219 -11.65 15.33 -23.42
N SER A 220 -10.92 14.70 -24.34
CA SER A 220 -11.15 13.31 -24.67
C SER A 220 -10.65 12.41 -23.54
N GLU A 221 -11.05 11.13 -23.60
CA GLU A 221 -10.72 10.18 -22.55
C GLU A 221 -9.22 9.90 -22.49
N GLU A 222 -8.57 9.77 -23.66
CA GLU A 222 -7.12 9.58 -23.68
C GLU A 222 -6.38 10.82 -23.20
N LEU A 223 -6.86 12.01 -23.57
CA LEU A 223 -6.24 13.25 -23.12
C LEU A 223 -6.40 13.45 -21.62
N THR A 224 -7.60 13.12 -21.09
CA THR A 224 -7.81 13.22 -19.65
C THR A 224 -6.98 12.20 -18.88
N SER A 225 -6.82 11.00 -19.45
CA SER A 225 -6.01 9.97 -18.79
C SER A 225 -4.52 10.24 -18.89
N LEU A 226 -4.09 11.00 -19.90
CA LEU A 226 -2.66 11.26 -20.09
C LEU A 226 -2.22 12.56 -19.42
N LEU A 227 -2.83 13.68 -19.78
CA LEU A 227 -2.33 14.98 -19.34
C LEU A 227 -2.70 15.28 -17.89
N VAL A 228 -3.90 14.94 -17.46
CA VAL A 228 -4.40 15.40 -16.17
C VAL A 228 -3.89 14.51 -15.04
N VAL A 229 -4.00 13.20 -15.20
CA VAL A 229 -3.70 12.27 -14.11
C VAL A 229 -2.20 12.20 -13.84
N HIS A 230 -1.39 12.11 -14.89
CA HIS A 230 0.03 11.84 -14.71
C HIS A 230 0.85 13.12 -14.65
N TRP A 231 0.77 13.96 -15.69
CA TRP A 231 1.55 15.19 -15.72
C TRP A 231 1.00 16.22 -14.74
N GLY A 232 -0.33 16.28 -14.62
CA GLY A 232 -0.94 17.23 -13.70
C GLY A 232 -0.64 16.92 -12.24
N GLY A 233 -0.55 15.63 -11.90
CA GLY A 233 -0.17 15.27 -10.54
C GLY A 233 1.27 15.64 -10.22
N LEU A 234 2.17 15.46 -11.18
CA LEU A 234 3.57 15.86 -11.00
C LEU A 234 3.70 17.37 -10.85
N LEU A 235 2.97 18.13 -11.69
CA LEU A 235 2.98 19.59 -11.57
C LEU A 235 2.36 20.05 -10.27
N LEU A 236 1.32 19.36 -9.80
CA LEU A 236 0.70 19.70 -8.53
C LEU A 236 1.62 19.41 -7.36
N ASP A 237 2.39 18.31 -7.42
CA ASP A 237 3.36 18.01 -6.38
C ASP A 237 4.49 19.04 -6.35
N LEU A 238 4.98 19.44 -7.53
CA LEU A 238 6.04 20.45 -7.59
C LEU A 238 5.54 21.81 -7.11
N SER A 239 4.30 22.17 -7.47
CA SER A 239 3.75 23.45 -7.01
C SER A 239 3.47 23.44 -5.52
N ALA A 240 3.00 22.30 -4.99
CA ALA A 240 2.78 22.18 -3.55
C ALA A 240 4.09 22.22 -2.78
N GLY A 241 5.16 21.72 -3.37
CA GLY A 241 6.47 21.90 -2.77
C GLY A 241 6.95 23.34 -2.78
N PHE A 242 6.78 24.03 -3.91
CA PHE A 242 7.46 25.31 -4.11
C PHE A 242 6.66 26.53 -3.66
N LEU A 243 5.38 26.61 -4.03
CA LEU A 243 4.62 27.86 -3.90
C LEU A 243 4.30 28.25 -2.46
N LEU A 244 4.39 27.30 -1.51
CA LEU A 244 4.07 27.63 -0.14
C LEU A 244 5.16 28.45 0.55
N PHE A 245 6.37 28.46 0.00
CA PHE A 245 7.47 29.22 0.60
C PHE A 245 7.34 30.72 0.35
N PHE A 246 6.88 31.10 -0.85
CA PHE A 246 6.82 32.50 -1.24
C PHE A 246 5.52 33.15 -0.78
N ASP A 247 5.62 34.40 -0.35
CA ASP A 247 4.44 35.14 0.09
C ASP A 247 3.57 35.59 -1.07
N VAL A 248 4.12 35.68 -2.27
CA VAL A 248 3.33 36.08 -3.43
C VAL A 248 2.38 34.96 -3.84
N SER A 249 2.84 33.71 -3.81
CA SER A 249 2.08 32.57 -4.26
C SER A 249 1.46 31.78 -3.11
N ARG A 250 1.02 32.47 -2.05
CA ARG A 250 0.55 31.77 -0.86
C ARG A 250 -0.88 31.25 -1.03
N SER A 251 -1.81 32.15 -1.41
CA SER A 251 -3.23 31.78 -1.36
C SER A 251 -3.61 30.84 -2.50
N ILE A 252 -3.05 31.05 -3.68
CA ILE A 252 -3.32 30.16 -4.81
C ILE A 252 -2.73 28.77 -4.56
N GLY A 253 -1.52 28.73 -3.98
CA GLY A 253 -0.93 27.46 -3.62
C GLY A 253 -1.69 26.73 -2.53
N LEU A 254 -2.22 27.47 -1.56
CA LEU A 254 -3.06 26.88 -0.52
C LEU A 254 -4.35 26.32 -1.10
N PHE A 255 -4.95 27.04 -2.05
CA PHE A 255 -6.15 26.56 -2.72
C PHE A 255 -5.87 25.29 -3.52
N PHE A 256 -4.74 25.26 -4.23
CA PHE A 256 -4.37 24.07 -5.00
C PHE A 256 -4.09 22.87 -4.09
N VAL A 257 -3.40 23.11 -2.97
CA VAL A 257 -3.13 22.04 -2.00
C VAL A 257 -4.42 21.50 -1.40
N SER A 258 -5.35 22.40 -1.04
CA SER A 258 -6.64 21.98 -0.48
C SER A 258 -7.47 21.21 -1.48
N TYR A 259 -7.49 21.66 -2.74
CA TYR A 259 -8.26 20.97 -3.78
C TYR A 259 -7.67 19.59 -4.08
N PHE A 260 -6.34 19.50 -4.13
CA PHE A 260 -5.68 18.22 -4.37
C PHE A 260 -5.92 17.24 -3.23
N HIS A 261 -5.83 17.71 -1.99
CA HIS A 261 -6.04 16.83 -0.85
C HIS A 261 -7.50 16.38 -0.74
N CYS A 262 -8.45 17.28 -1.04
CA CYS A 262 -9.86 16.90 -1.01
C CYS A 262 -10.19 15.92 -2.14
N MET A 263 -9.62 16.12 -3.33
CA MET A 263 -9.87 15.21 -4.44
C MET A 263 -9.24 13.84 -4.17
N ASN A 264 -8.05 13.80 -3.57
CA ASN A 264 -7.44 12.51 -3.25
C ASN A 264 -8.14 11.82 -2.09
N SER A 265 -8.74 12.59 -1.16
CA SER A 265 -9.53 11.99 -0.10
C SER A 265 -10.82 11.40 -0.64
N GLN A 266 -11.45 12.08 -1.61
CA GLN A 266 -12.68 11.56 -2.20
C GLN A 266 -12.42 10.38 -3.12
N LEU A 267 -11.29 10.40 -3.84
CA LEU A 267 -11.05 9.39 -4.87
C LEU A 267 -10.67 8.04 -4.28
N PHE A 268 -9.80 8.02 -3.28
CA PHE A 268 -9.22 6.79 -2.79
C PHE A 268 -9.77 6.44 -1.41
N SER A 269 -9.26 5.33 -0.86
CA SER A 269 -9.61 4.85 0.46
C SER A 269 -8.37 4.78 1.33
N ILE A 270 -7.51 5.80 1.24
CA ILE A 270 -6.27 5.83 2.01
C ILE A 270 -6.55 5.99 3.51
N GLY A 271 -7.60 6.72 3.86
CA GLY A 271 -7.93 6.92 5.25
C GLY A 271 -7.90 8.38 5.66
N MET A 272 -7.19 8.69 6.75
CA MET A 272 -7.13 10.05 7.28
C MET A 272 -5.78 10.72 7.01
N PHE A 273 -5.04 10.22 6.01
CA PHE A 273 -3.78 10.86 5.62
C PHE A 273 -4.02 12.23 5.01
N SER A 274 -5.07 12.37 4.21
CA SER A 274 -5.36 13.63 3.54
C SER A 274 -5.78 14.71 4.53
N TYR A 275 -6.52 14.33 5.57
CA TYR A 275 -6.91 15.30 6.60
C TYR A 275 -5.71 15.78 7.40
N VAL A 276 -4.74 14.90 7.65
CA VAL A 276 -3.50 15.29 8.33
C VAL A 276 -2.68 16.22 7.45
N MET A 277 -2.64 15.94 6.14
CA MET A 277 -1.97 16.85 5.21
C MET A 277 -2.68 18.20 5.14
N LEU A 278 -4.01 18.21 5.21
CA LEU A 278 -4.76 19.47 5.26
C LEU A 278 -4.49 20.23 6.55
N ALA A 279 -4.31 19.53 7.66
CA ALA A 279 -4.00 20.19 8.92
C ALA A 279 -2.58 20.75 8.92
N SER A 280 -1.64 20.08 8.25
CA SER A 280 -0.27 20.57 8.16
C SER A 280 -0.08 21.59 7.05
N SER A 281 -1.07 21.76 6.17
CA SER A 281 -0.98 22.75 5.09
C SER A 281 -0.84 24.21 5.55
N PRO A 282 -1.65 24.77 6.47
CA PRO A 282 -1.54 26.21 6.73
C PRO A 282 -0.38 26.62 7.62
N LEU A 283 0.60 25.76 7.87
CA LEU A 283 1.71 26.10 8.75
C LEU A 283 2.69 27.06 8.09
N PHE A 284 2.66 27.20 6.77
CA PHE A 284 3.63 28.02 6.04
C PHE A 284 3.30 29.51 6.05
N CYS A 285 2.19 29.91 6.66
CA CYS A 285 1.80 31.31 6.70
C CYS A 285 2.57 32.03 7.80
N SER A 286 2.17 33.27 8.08
CA SER A 286 2.77 34.04 9.18
C SER A 286 2.42 33.40 10.52
N PRO A 287 3.34 33.41 11.49
CA PRO A 287 3.10 32.71 12.76
C PRO A 287 2.10 33.40 13.68
N GLU A 288 1.51 34.53 13.30
CA GLU A 288 0.50 35.20 14.11
C GLU A 288 -0.89 35.08 13.51
N TRP A 289 -1.08 34.22 12.52
CA TRP A 289 -2.38 34.07 11.85
C TRP A 289 -3.54 33.50 12.70
N PRO A 290 -3.36 32.68 13.74
CA PRO A 290 -4.51 32.42 14.61
C PRO A 290 -4.79 33.53 15.61
N ARG A 291 -3.83 34.42 15.85
CA ARG A 291 -4.01 35.45 16.87
C ARG A 291 -5.01 36.52 16.45
N LYS A 292 -5.12 36.79 15.14
CA LYS A 292 -6.12 37.74 14.67
C LYS A 292 -7.53 37.18 14.73
N LEU A 293 -7.67 35.86 14.81
CA LEU A 293 -9.00 35.27 15.00
C LEU A 293 -9.49 35.48 16.42
N VAL A 294 -8.58 35.56 17.38
CA VAL A 294 -8.96 35.84 18.77
C VAL A 294 -9.46 37.27 18.91
N SER A 295 -8.72 38.22 18.33
CA SER A 295 -9.12 39.63 18.39
C SER A 295 -9.43 40.17 17.00
N LYS A 329 25.72 35.96 24.71
CA LYS A 329 26.25 34.71 24.18
C LYS A 329 25.23 33.59 24.26
N PRO A 330 24.98 32.91 23.15
CA PRO A 330 24.06 31.77 23.17
C PRO A 330 24.63 30.60 23.95
N GLY A 331 23.73 29.79 24.49
CA GLY A 331 24.10 28.63 25.29
C GLY A 331 24.34 27.38 24.48
N LEU A 332 24.33 26.24 25.16
CA LEU A 332 24.58 24.96 24.52
C LEU A 332 23.33 24.36 23.89
N ARG A 333 22.16 24.63 24.47
CA ARG A 333 20.91 24.11 23.90
C ARG A 333 20.58 24.80 22.58
N HIS A 334 21.02 26.05 22.40
CA HIS A 334 20.87 26.71 21.10
C HIS A 334 21.72 26.03 20.03
N GLN A 335 22.88 25.50 20.40
CA GLN A 335 23.69 24.73 19.46
C GLN A 335 23.06 23.36 19.21
N LEU A 336 22.47 22.76 20.25
CA LEU A 336 21.82 21.47 20.13
C LEU A 336 20.62 21.54 19.19
N GLY A 337 19.82 22.60 19.32
CA GLY A 337 18.64 22.79 18.48
C GLY A 337 18.94 23.08 17.02
N ALA A 338 20.18 23.43 16.69
CA ALA A 338 20.61 23.58 15.31
C ALA A 338 21.31 22.34 14.78
N ALA A 339 22.10 21.67 15.63
CA ALA A 339 22.75 20.42 15.23
C ALA A 339 21.72 19.33 14.97
N PHE A 340 20.69 19.24 15.82
CA PHE A 340 19.62 18.26 15.62
C PHE A 340 18.84 18.55 14.34
N THR A 341 18.59 19.84 14.06
CA THR A 341 17.87 20.23 12.86
C THR A 341 18.65 19.87 11.60
N LEU A 342 19.96 20.20 11.57
CA LEU A 342 20.79 19.89 10.42
C LEU A 342 20.94 18.39 10.21
N LEU A 343 21.16 17.63 11.30
CA LEU A 343 21.33 16.19 11.19
C LEU A 343 20.03 15.50 10.77
N TYR A 344 18.90 15.96 11.29
CA TYR A 344 17.62 15.37 10.92
C TYR A 344 17.26 15.67 9.48
N LEU A 345 17.52 16.90 9.01
CA LEU A 345 17.28 17.23 7.61
C LEU A 345 18.20 16.44 6.68
N LEU A 346 19.47 16.26 7.06
CA LEU A 346 20.39 15.47 6.24
C LEU A 346 19.98 14.00 6.19
N GLU A 347 19.57 13.45 7.34
CA GLU A 347 19.13 12.05 7.39
C GLU A 347 17.85 11.84 6.58
N GLN A 348 16.88 12.74 6.69
CA GLN A 348 15.65 12.60 5.92
C GLN A 348 15.84 12.91 4.45
N LEU A 349 16.88 13.66 4.08
CA LEU A 349 17.20 13.81 2.66
C LEU A 349 17.89 12.57 2.11
N PHE A 350 18.74 11.93 2.91
CA PHE A 350 19.50 10.78 2.44
C PHE A 350 18.67 9.50 2.42
N LEU A 351 17.68 9.39 3.32
CA LEU A 351 16.95 8.13 3.49
C LEU A 351 16.15 7.61 2.29
N PRO A 352 15.35 8.41 1.55
CA PRO A 352 14.59 7.80 0.44
C PRO A 352 15.42 7.35 -0.75
N TYR A 353 16.69 7.76 -0.86
CA TYR A 353 17.57 7.29 -1.90
C TYR A 353 18.62 6.32 -1.37
N SER A 354 18.36 5.68 -0.22
CA SER A 354 19.29 4.77 0.42
C SER A 354 19.02 3.32 0.09
N HIS A 355 18.42 3.05 -1.08
CA HIS A 355 18.17 1.67 -1.49
C HIS A 355 19.43 0.96 -1.98
N PHE A 356 20.50 1.69 -2.26
CA PHE A 356 21.73 1.08 -2.76
C PHE A 356 22.52 0.35 -1.68
N LEU A 357 22.17 0.52 -0.41
CA LEU A 357 22.80 -0.23 0.67
C LEU A 357 21.98 -1.42 1.14
N THR A 358 20.69 -1.45 0.86
CA THR A 358 19.82 -2.56 1.28
C THR A 358 19.68 -3.56 0.14
N GLN A 359 20.80 -4.22 -0.18
CA GLN A 359 20.80 -5.23 -1.23
C GLN A 359 20.10 -6.51 -0.80
N GLY A 360 20.04 -6.79 0.51
CA GLY A 360 19.34 -7.97 0.98
C GLY A 360 17.84 -7.87 0.79
N TYR A 361 17.27 -6.69 1.04
CA TYR A 361 15.85 -6.45 0.84
C TYR A 361 15.51 -6.04 -0.58
N ASN A 362 16.53 -5.92 -1.44
CA ASN A 362 16.30 -5.55 -2.84
C ASN A 362 15.52 -6.63 -3.57
N ASN A 363 14.68 -6.18 -4.50
CA ASN A 363 13.76 -7.05 -5.21
C ASN A 363 13.74 -6.60 -6.68
N TRP A 364 12.67 -6.95 -7.40
CA TRP A 364 12.54 -6.60 -8.81
C TRP A 364 12.57 -5.08 -9.02
N THR A 365 11.75 -4.35 -8.28
CA THR A 365 11.75 -2.89 -8.43
C THR A 365 12.84 -2.23 -7.58
N ASN A 366 12.63 -2.18 -6.26
CA ASN A 366 13.60 -1.67 -5.28
C ASN A 366 13.15 -1.94 -3.85
N GLY A 367 14.02 -2.53 -3.04
CA GLY A 367 14.00 -2.55 -1.57
C GLY A 367 12.72 -3.08 -0.96
N LEU A 368 12.38 -2.54 0.21
CA LEU A 368 11.08 -2.73 0.82
C LEU A 368 10.12 -1.66 0.31
N TYR A 369 8.94 -1.56 0.91
CA TYR A 369 7.93 -0.60 0.47
C TYR A 369 7.49 0.27 1.64
N GLY A 370 7.25 1.55 1.34
CA GLY A 370 6.65 2.45 2.30
C GLY A 370 7.55 3.61 2.70
N TYR A 371 8.83 3.34 2.92
CA TYR A 371 9.78 4.40 3.28
C TYR A 371 10.53 4.94 2.05
N SER A 372 9.78 5.24 0.99
CA SER A 372 10.36 5.94 -0.16
C SER A 372 9.43 6.97 -0.77
N TRP A 373 8.22 7.17 -0.21
CA TRP A 373 7.23 8.18 -0.61
C TRP A 373 6.78 8.05 -2.07
N ASP A 374 6.96 6.88 -2.68
CA ASP A 374 6.57 6.66 -4.08
C ASP A 374 5.19 5.99 -4.14
N MET A 375 4.18 6.76 -3.73
CA MET A 375 2.82 6.24 -3.70
C MET A 375 2.23 6.15 -5.09
N MET A 376 1.45 5.08 -5.32
CA MET A 376 0.61 4.87 -6.52
C MET A 376 1.43 4.87 -7.81
N VAL A 377 2.57 4.17 -7.80
CA VAL A 377 3.41 4.05 -8.97
C VAL A 377 3.27 2.70 -9.64
N HIS A 378 3.10 1.63 -8.87
CA HIS A 378 3.08 0.28 -9.40
C HIS A 378 1.83 -0.47 -8.94
N SER A 379 1.39 -1.40 -9.78
CA SER A 379 0.23 -2.24 -9.49
C SER A 379 0.58 -3.69 -9.80
N ARG A 380 -0.16 -4.60 -9.17
CA ARG A 380 0.10 -6.03 -9.29
C ARG A 380 -1.15 -6.78 -9.73
N SER A 381 -0.94 -7.92 -10.36
CA SER A 381 -2.03 -8.82 -10.73
C SER A 381 -1.48 -10.25 -10.68
N HIS A 382 -1.67 -10.92 -9.55
CA HIS A 382 -1.15 -12.26 -9.36
C HIS A 382 -2.04 -13.30 -10.03
N GLN A 383 -1.42 -14.29 -10.66
CA GLN A 383 -2.15 -15.32 -11.40
C GLN A 383 -2.19 -16.66 -10.68
N HIS A 384 -1.03 -17.22 -10.32
CA HIS A 384 -1.02 -18.54 -9.69
C HIS A 384 0.19 -18.68 -8.78
N VAL A 385 0.02 -19.41 -7.69
CA VAL A 385 1.08 -19.73 -6.74
C VAL A 385 0.99 -21.22 -6.43
N LYS A 386 2.10 -21.94 -6.61
CA LYS A 386 2.13 -23.37 -6.36
C LYS A 386 3.27 -23.70 -5.40
N ILE A 387 2.94 -24.41 -4.32
CA ILE A 387 3.88 -24.74 -3.26
C ILE A 387 4.00 -26.25 -3.18
N THR A 388 5.20 -26.76 -3.43
CA THR A 388 5.48 -28.19 -3.42
C THR A 388 6.40 -28.52 -2.25
N TYR A 389 6.24 -29.71 -1.67
CA TYR A 389 7.11 -30.16 -0.61
C TYR A 389 7.51 -31.60 -0.82
N ARG A 390 8.78 -31.88 -0.55
CA ARG A 390 9.36 -33.21 -0.69
C ARG A 390 9.79 -33.69 0.69
N ASP A 391 9.39 -34.92 1.03
CA ASP A 391 9.68 -35.47 2.35
C ASP A 391 11.16 -35.84 2.47
N GLY A 392 11.73 -35.59 3.64
CA GLY A 392 13.13 -35.90 3.88
C GLY A 392 13.41 -37.34 4.23
N ARG A 393 12.38 -38.13 4.51
CA ARG A 393 12.54 -39.54 4.85
C ARG A 393 11.92 -40.45 3.79
N THR A 394 10.64 -40.27 3.48
CA THR A 394 9.98 -41.10 2.48
C THR A 394 10.33 -40.68 1.06
N GLY A 395 10.62 -39.40 0.86
CA GLY A 395 10.85 -38.89 -0.49
C GLY A 395 9.60 -38.61 -1.28
N GLU A 396 8.42 -38.67 -0.66
CA GLU A 396 7.18 -38.40 -1.35
C GLU A 396 7.03 -36.91 -1.65
N LEU A 397 6.26 -36.60 -2.70
CA LEU A 397 6.03 -35.25 -3.14
C LEU A 397 4.56 -34.89 -2.93
N GLY A 398 4.31 -33.70 -2.38
CA GLY A 398 2.96 -33.24 -2.16
C GLY A 398 2.84 -31.75 -2.41
N TYR A 399 1.61 -31.28 -2.38
CA TYR A 399 1.29 -29.88 -2.66
C TYR A 399 0.60 -29.27 -1.45
N LEU A 400 0.92 -28.01 -1.17
CA LEU A 400 0.33 -27.28 -0.06
C LEU A 400 -0.73 -26.29 -0.58
N ASN A 401 -1.50 -25.76 0.36
CA ASN A 401 -2.49 -24.75 0.03
C ASN A 401 -1.81 -23.43 -0.32
N PRO A 402 -2.44 -22.58 -1.17
CA PRO A 402 -1.81 -21.31 -1.56
C PRO A 402 -1.58 -20.33 -0.42
N GLY A 403 -2.62 -20.01 0.33
CA GLY A 403 -2.50 -19.00 1.37
C GLY A 403 -2.74 -19.54 2.77
N VAL A 404 -2.22 -20.73 3.05
CA VAL A 404 -2.42 -21.36 4.35
C VAL A 404 -1.51 -20.69 5.38
N PHE A 405 -2.02 -20.56 6.61
CA PHE A 405 -1.30 -20.11 7.80
C PHE A 405 -0.79 -18.67 7.69
N THR A 406 -1.39 -17.86 6.81
CA THR A 406 -0.98 -16.48 6.61
C THR A 406 -2.21 -15.59 6.56
N GLN A 407 -2.04 -14.33 6.96
CA GLN A 407 -3.13 -13.38 6.99
C GLN A 407 -3.00 -12.27 5.97
N SER A 408 -1.89 -12.19 5.24
CA SER A 408 -1.64 -11.10 4.30
C SER A 408 -1.32 -11.67 2.92
N ARG A 409 -1.32 -10.79 1.93
CA ARG A 409 -1.05 -11.14 0.54
C ARG A 409 0.06 -10.26 -0.03
N ARG A 410 1.01 -9.88 0.81
CA ARG A 410 2.13 -9.04 0.40
C ARG A 410 3.46 -9.79 0.40
N TRP A 411 3.45 -11.09 0.66
CA TRP A 411 4.68 -11.87 0.73
C TRP A 411 5.12 -12.41 -0.62
N LYS A 412 4.37 -12.15 -1.69
CA LYS A 412 4.65 -12.73 -3.00
C LYS A 412 5.55 -11.85 -3.85
N ASP A 413 6.08 -10.76 -3.31
CA ASP A 413 6.94 -9.85 -4.05
C ASP A 413 8.26 -9.54 -3.37
N HIS A 414 8.52 -10.09 -2.18
CA HIS A 414 9.71 -9.76 -1.41
C HIS A 414 10.41 -11.04 -0.99
N ALA A 415 11.75 -11.00 -0.98
CA ALA A 415 12.55 -12.18 -0.69
C ALA A 415 12.59 -12.51 0.81
N ASP A 416 12.69 -11.48 1.66
CA ASP A 416 12.83 -11.70 3.09
C ASP A 416 11.56 -12.30 3.70
N MET A 417 10.40 -11.87 3.20
CA MET A 417 9.14 -12.46 3.66
C MET A 417 9.02 -13.91 3.22
N LEU A 418 9.53 -14.23 2.02
CA LEU A 418 9.56 -15.61 1.57
C LEU A 418 10.48 -16.46 2.43
N LYS A 419 11.64 -15.90 2.82
CA LYS A 419 12.57 -16.63 3.68
C LYS A 419 11.98 -16.88 5.06
N GLN A 420 11.31 -15.87 5.64
CA GLN A 420 10.68 -16.05 6.94
C GLN A 420 9.50 -17.02 6.87
N TYR A 421 8.75 -17.00 5.77
CA TYR A 421 7.68 -17.97 5.56
C TYR A 421 8.24 -19.39 5.45
N ALA A 422 9.38 -19.54 4.77
CA ALA A 422 10.02 -20.85 4.67
C ALA A 422 10.50 -21.34 6.03
N THR A 423 11.06 -20.44 6.84
CA THR A 423 11.50 -20.80 8.19
C THR A 423 10.32 -21.19 9.08
N CYS A 424 9.22 -20.44 8.98
CA CYS A 424 8.02 -20.74 9.76
C CYS A 424 7.41 -22.08 9.35
N LEU A 425 7.34 -22.34 8.04
CA LEU A 425 6.82 -23.62 7.58
C LEU A 425 7.73 -24.78 7.96
N SER A 426 9.05 -24.55 7.96
CA SER A 426 10.00 -25.56 8.39
C SER A 426 9.84 -25.88 9.88
N ARG A 427 9.60 -24.88 10.70
CA ARG A 427 9.39 -25.14 12.13
C ARG A 427 7.97 -25.60 12.43
N LEU A 428 7.02 -25.45 11.51
CA LEU A 428 5.63 -25.82 11.76
C LEU A 428 5.23 -27.18 11.21
N LEU A 429 5.82 -27.62 10.10
CA LEU A 429 5.38 -28.84 9.42
C LEU A 429 5.47 -30.16 10.20
N PRO A 430 6.36 -30.37 11.20
CA PRO A 430 6.23 -31.59 12.02
C PRO A 430 4.95 -31.70 12.87
N LYS A 431 4.09 -30.69 12.91
CA LYS A 431 2.82 -30.79 13.62
C LYS A 431 1.79 -31.67 12.91
N TYR A 432 2.05 -32.08 11.67
CA TYR A 432 1.09 -32.82 10.87
C TYR A 432 1.70 -34.10 10.32
N ASN A 433 2.53 -34.76 11.14
CA ASN A 433 3.21 -36.03 10.81
C ASN A 433 4.07 -35.94 9.55
N VAL A 434 4.77 -34.82 9.40
CA VAL A 434 5.69 -34.60 8.29
C VAL A 434 7.11 -34.53 8.86
N THR A 435 8.07 -35.12 8.14
CA THR A 435 9.46 -35.09 8.53
C THR A 435 10.08 -33.75 8.11
N GLU A 436 11.42 -33.66 8.18
CA GLU A 436 12.17 -32.48 7.77
C GLU A 436 11.99 -32.23 6.28
N PRO A 437 11.29 -31.15 5.91
CA PRO A 437 10.82 -31.01 4.53
C PRO A 437 11.80 -30.25 3.63
N GLN A 438 11.59 -30.44 2.32
CA GLN A 438 12.18 -29.59 1.31
C GLN A 438 11.05 -28.81 0.64
N ILE A 439 11.11 -27.48 0.71
CA ILE A 439 10.01 -26.62 0.28
C ILE A 439 10.42 -25.93 -1.01
N TYR A 440 9.62 -26.09 -2.06
CA TYR A 440 9.84 -25.47 -3.35
C TYR A 440 8.66 -24.57 -3.70
N PHE A 441 8.98 -23.38 -4.20
CA PHE A 441 7.99 -22.38 -4.56
C PHE A 441 7.87 -22.25 -6.06
N ASP A 442 6.72 -21.78 -6.51
CA ASP A 442 6.53 -21.42 -7.92
C ASP A 442 5.53 -20.26 -7.94
N ILE A 443 6.04 -19.05 -8.17
CA ILE A 443 5.22 -17.84 -8.11
C ILE A 443 5.32 -17.13 -9.46
N TRP A 444 4.16 -16.80 -10.03
CA TRP A 444 4.09 -16.04 -11.27
C TRP A 444 3.47 -14.69 -10.97
N VAL A 445 4.06 -13.62 -11.51
CA VAL A 445 3.57 -12.27 -11.25
C VAL A 445 3.82 -11.43 -12.50
N SER A 446 3.02 -10.37 -12.64
CA SER A 446 3.17 -9.40 -13.73
C SER A 446 3.09 -8.00 -13.16
N ILE A 447 3.98 -7.12 -13.62
CA ILE A 447 4.05 -5.75 -13.14
C ILE A 447 3.72 -4.82 -14.30
N ASN A 448 2.70 -3.98 -14.10
CA ASN A 448 2.28 -2.93 -15.05
C ASN A 448 1.93 -3.48 -16.42
N ASP A 449 1.23 -4.62 -16.44
CA ASP A 449 0.74 -5.30 -17.64
C ASP A 449 1.89 -5.66 -18.59
N ARG A 450 2.78 -6.50 -18.09
CA ARG A 450 3.93 -7.00 -18.84
C ARG A 450 3.84 -8.52 -18.94
N PHE A 451 4.90 -9.13 -19.49
CA PHE A 451 4.95 -10.57 -19.68
C PHE A 451 4.94 -11.32 -18.34
N GLN A 452 4.10 -12.34 -18.26
CA GLN A 452 4.02 -13.19 -17.07
C GLN A 452 5.24 -14.11 -17.06
N GLN A 453 6.21 -13.79 -16.21
CA GLN A 453 7.42 -14.58 -16.07
C GLN A 453 7.66 -14.94 -14.62
N ARG A 454 8.46 -15.98 -14.41
CA ARG A 454 8.82 -16.40 -13.06
C ARG A 454 9.70 -15.36 -12.38
N ILE A 455 9.57 -15.29 -11.06
CA ILE A 455 10.34 -14.34 -10.26
C ILE A 455 11.49 -15.02 -9.53
N PHE A 456 11.30 -16.27 -9.10
CA PHE A 456 12.36 -17.05 -8.48
C PHE A 456 12.53 -18.38 -9.21
N ASP A 457 13.71 -18.95 -9.07
CA ASP A 457 13.97 -20.27 -9.64
C ASP A 457 13.25 -21.34 -8.84
N PRO A 458 12.44 -22.18 -9.48
CA PRO A 458 11.66 -23.18 -8.73
C PRO A 458 12.43 -24.43 -8.31
N ARG A 459 13.76 -24.44 -8.45
CA ARG A 459 14.56 -25.60 -8.12
C ARG A 459 15.52 -25.35 -6.96
N VAL A 460 15.35 -24.27 -6.22
CA VAL A 460 16.24 -23.91 -5.12
C VAL A 460 15.45 -24.02 -3.82
N ASP A 461 15.96 -24.81 -2.88
CA ASP A 461 15.30 -24.99 -1.59
C ASP A 461 15.58 -23.78 -0.71
N ILE A 462 14.52 -23.06 -0.34
CA ILE A 462 14.66 -21.81 0.39
C ILE A 462 15.01 -22.05 1.86
N VAL A 463 14.71 -23.24 2.40
CA VAL A 463 14.94 -23.52 3.81
C VAL A 463 16.44 -23.60 4.10
N GLN A 464 17.20 -24.24 3.21
CA GLN A 464 18.65 -24.34 3.36
C GLN A 464 19.39 -23.24 2.60
N ALA A 465 18.67 -22.31 1.98
CA ALA A 465 19.32 -21.24 1.23
C ALA A 465 19.86 -20.18 2.17
N ALA A 466 20.64 -19.25 1.60
CA ALA A 466 21.29 -18.19 2.35
C ALA A 466 20.71 -16.84 1.95
N TRP A 467 20.49 -15.99 2.94
CA TRP A 467 20.04 -14.62 2.71
C TRP A 467 20.72 -13.71 3.73
N SER A 468 21.37 -12.65 3.23
CA SER A 468 22.06 -11.69 4.07
C SER A 468 21.64 -10.28 3.67
N PRO A 469 21.51 -9.37 4.64
CA PRO A 469 21.03 -8.01 4.31
C PRO A 469 22.02 -7.17 3.52
N PHE A 470 23.30 -7.52 3.52
CA PHE A 470 24.33 -6.68 2.92
C PHE A 470 24.88 -7.23 1.61
N GLN A 471 24.28 -8.30 1.07
CA GLN A 471 24.75 -8.91 -0.17
C GLN A 471 23.58 -9.14 -1.12
N ARG A 472 23.89 -9.15 -2.41
CA ARG A 472 22.89 -9.41 -3.44
C ARG A 472 22.49 -10.87 -3.44
N THR A 473 21.18 -11.12 -3.54
CA THR A 473 20.68 -12.49 -3.56
C THR A 473 20.96 -13.14 -4.91
N SER A 474 21.20 -14.45 -4.87
CA SER A 474 21.56 -15.21 -6.07
C SER A 474 20.41 -15.98 -6.69
N TRP A 475 19.23 -15.97 -6.08
CA TRP A 475 18.11 -16.78 -6.54
C TRP A 475 16.89 -15.93 -6.86
N VAL A 476 17.13 -14.79 -7.52
CA VAL A 476 16.05 -13.93 -8.01
C VAL A 476 16.23 -13.79 -9.51
N GLN A 477 15.18 -14.13 -10.26
CA GLN A 477 15.23 -14.01 -11.71
C GLN A 477 15.17 -12.54 -12.13
N PRO A 478 16.03 -12.09 -13.02
CA PRO A 478 15.95 -10.70 -13.49
C PRO A 478 14.76 -10.50 -14.43
N LEU A 479 14.29 -9.25 -14.48
CA LEU A 479 13.18 -8.91 -15.35
C LEU A 479 13.66 -8.79 -16.79
N LEU A 480 12.79 -9.16 -17.72
CA LEU A 480 13.10 -9.13 -19.16
C LEU A 480 12.49 -7.85 -19.73
N MET A 481 13.29 -6.80 -19.77
CA MET A 481 12.87 -5.50 -20.28
C MET A 481 13.07 -5.37 -21.79
N ASP A 482 13.59 -6.40 -22.45
CA ASP A 482 13.81 -6.33 -23.90
C ASP A 482 12.52 -6.42 -24.70
N LEU A 483 11.42 -6.84 -24.08
CA LEU A 483 10.13 -6.93 -24.74
C LEU A 483 9.32 -5.64 -24.62
N SER A 484 9.92 -4.58 -24.07
CA SER A 484 9.19 -3.33 -23.87
C SER A 484 8.73 -2.64 -25.16
N PRO A 485 9.56 -2.50 -26.24
CA PRO A 485 8.96 -1.99 -27.48
C PRO A 485 7.99 -2.95 -28.14
N TRP A 486 8.19 -4.26 -27.97
CA TRP A 486 7.33 -5.25 -28.62
C TRP A 486 5.93 -5.29 -28.04
N ARG A 487 5.72 -4.68 -26.87
CA ARG A 487 4.37 -4.43 -26.37
C ARG A 487 3.55 -3.62 -27.36
N ALA A 488 4.18 -2.63 -27.99
CA ALA A 488 3.54 -1.90 -29.09
C ALA A 488 3.26 -2.84 -30.26
N LYS A 489 4.17 -3.78 -30.52
CA LYS A 489 3.88 -4.85 -31.47
C LYS A 489 2.72 -5.71 -30.98
N LEU A 490 2.67 -5.96 -29.66
CA LEU A 490 1.50 -6.59 -29.06
C LEU A 490 0.26 -5.74 -29.23
N GLN A 491 0.42 -4.40 -29.23
CA GLN A 491 -0.68 -3.51 -29.57
C GLN A 491 -1.18 -3.76 -30.98
N GLU A 492 -0.25 -4.02 -31.91
CA GLU A 492 -0.64 -4.47 -33.25
C GLU A 492 -1.39 -5.79 -33.18
N ILE A 493 -0.94 -6.70 -32.31
CA ILE A 493 -1.69 -7.92 -32.04
C ILE A 493 -3.02 -7.59 -31.37
N LYS A 494 -3.04 -6.54 -30.53
CA LYS A 494 -4.29 -6.06 -29.97
C LYS A 494 -5.21 -5.49 -31.05
N SER A 495 -4.66 -5.04 -32.17
CA SER A 495 -5.45 -4.79 -33.37
C SER A 495 -5.41 -6.02 -34.28
N SER A 496 -5.83 -7.15 -33.73
CA SER A 496 -5.81 -8.41 -34.46
C SER A 496 -7.01 -9.25 -34.08
N LEU A 497 -7.69 -9.80 -35.09
CA LEU A 497 -8.78 -10.78 -34.97
C LEU A 497 -9.96 -10.28 -34.15
N ASP A 498 -10.77 -11.22 -33.66
CA ASP A 498 -12.01 -10.90 -32.98
C ASP A 498 -11.73 -10.32 -31.59
N ASN A 499 -12.58 -9.39 -31.16
CA ASN A 499 -12.47 -8.79 -29.84
C ASN A 499 -12.71 -9.81 -28.73
N HIS A 500 -13.54 -10.83 -28.99
CA HIS A 500 -13.83 -11.81 -27.96
C HIS A 500 -12.68 -12.80 -27.75
N THR A 501 -11.72 -12.84 -28.67
CA THR A 501 -10.56 -13.71 -28.51
C THR A 501 -9.65 -13.22 -27.38
N GLU A 502 -8.94 -14.15 -26.76
CA GLU A 502 -8.02 -13.85 -25.67
C GLU A 502 -6.59 -14.15 -26.09
N VAL A 503 -5.68 -13.26 -25.72
CA VAL A 503 -4.26 -13.40 -26.03
C VAL A 503 -3.47 -13.17 -24.75
N VAL A 504 -2.62 -14.14 -24.41
CA VAL A 504 -1.80 -14.10 -23.20
C VAL A 504 -0.34 -14.18 -23.61
N PHE A 505 0.47 -13.24 -23.14
CA PHE A 505 1.89 -13.19 -23.47
C PHE A 505 2.69 -13.88 -22.37
N ILE A 506 3.44 -14.92 -22.72
CA ILE A 506 4.19 -15.71 -21.76
C ILE A 506 5.66 -15.73 -22.17
N ALA A 507 6.54 -15.38 -21.25
CA ALA A 507 7.98 -15.50 -21.43
C ALA A 507 8.52 -16.57 -20.48
N ASP A 508 9.42 -17.40 -20.99
CA ASP A 508 9.92 -18.55 -20.25
C ASP A 508 11.44 -18.56 -20.24
N PHE A 509 11.99 -18.89 -19.07
CA PHE A 509 13.41 -19.05 -18.86
C PHE A 509 13.92 -20.35 -19.49
N PRO A 510 15.18 -20.38 -19.92
CA PRO A 510 15.75 -21.64 -20.41
C PRO A 510 15.93 -22.65 -19.29
N GLY A 511 15.70 -23.93 -19.62
CA GLY A 511 15.83 -25.01 -18.69
C GLY A 511 14.55 -25.40 -17.98
N LEU A 512 13.70 -24.42 -17.66
CA LEU A 512 12.44 -24.70 -16.98
C LEU A 512 11.40 -25.26 -17.96
N HIS A 513 10.28 -25.69 -17.40
CA HIS A 513 9.17 -26.22 -18.17
C HIS A 513 7.86 -25.70 -17.59
N LEU A 514 6.89 -25.47 -18.47
CA LEU A 514 5.56 -25.02 -18.05
C LEU A 514 4.55 -26.09 -18.39
N GLU A 515 3.88 -26.61 -17.36
CA GLU A 515 2.86 -27.64 -17.52
C GLU A 515 1.49 -27.02 -17.30
N ASN A 516 0.58 -27.24 -18.26
CA ASN A 516 -0.75 -26.69 -18.18
C ASN A 516 -1.76 -27.75 -18.56
N PHE A 517 -3.01 -27.54 -18.14
CA PHE A 517 -4.11 -28.44 -18.45
C PHE A 517 -5.18 -27.64 -19.19
N VAL A 518 -5.18 -27.73 -20.52
CA VAL A 518 -6.26 -27.18 -21.32
C VAL A 518 -7.50 -28.01 -21.09
N SER A 519 -8.60 -27.35 -20.70
CA SER A 519 -9.82 -28.06 -20.34
C SER A 519 -10.54 -28.57 -21.59
N GLU A 520 -11.58 -29.37 -21.35
CA GLU A 520 -12.38 -29.93 -22.44
C GLU A 520 -13.17 -28.85 -23.18
N ASP A 521 -13.64 -27.83 -22.45
CA ASP A 521 -14.45 -26.77 -23.06
C ASP A 521 -13.61 -25.80 -23.89
N LEU A 522 -12.28 -25.81 -23.73
CA LEU A 522 -11.42 -24.82 -24.40
C LEU A 522 -11.28 -25.20 -25.88
N GLY A 523 -12.32 -24.85 -26.64
CA GLY A 523 -12.29 -25.07 -28.07
C GLY A 523 -11.50 -23.99 -28.80
N ASN A 524 -10.85 -24.42 -29.89
CA ASN A 524 -10.05 -23.58 -30.78
C ASN A 524 -8.92 -22.87 -30.03
N THR A 525 -8.03 -23.68 -29.45
CA THR A 525 -6.87 -23.20 -28.70
C THR A 525 -5.63 -23.39 -29.54
N SER A 526 -4.93 -22.29 -29.82
CA SER A 526 -3.74 -22.32 -30.66
C SER A 526 -2.58 -21.60 -29.97
N ILE A 527 -1.38 -22.04 -30.29
CA ILE A 527 -0.15 -21.48 -29.74
C ILE A 527 0.73 -21.00 -30.88
N GLN A 528 1.21 -19.76 -30.78
CA GLN A 528 2.09 -19.15 -31.77
C GLN A 528 3.40 -18.76 -31.10
N LEU A 529 4.52 -19.16 -31.70
CA LEU A 529 5.83 -18.88 -31.13
C LEU A 529 6.38 -17.58 -31.72
N LEU A 530 6.86 -16.70 -30.83
CA LEU A 530 7.37 -15.40 -31.24
C LEU A 530 8.89 -15.37 -31.33
N GLN A 531 9.59 -15.86 -30.32
CA GLN A 531 11.05 -15.78 -30.30
C GLN A 531 11.61 -16.92 -29.46
N GLY A 532 12.64 -17.58 -29.97
CA GLY A 532 13.32 -18.64 -29.27
C GLY A 532 13.12 -19.98 -29.95
N GLU A 533 13.46 -21.04 -29.22
CA GLU A 533 13.30 -22.42 -29.68
C GLU A 533 12.69 -23.23 -28.55
N VAL A 534 11.50 -23.78 -28.78
CA VAL A 534 10.74 -24.48 -27.76
C VAL A 534 10.31 -25.84 -28.30
N THR A 535 9.96 -26.73 -27.38
CA THR A 535 9.39 -28.03 -27.69
C THR A 535 8.07 -28.19 -26.95
N VAL A 536 7.05 -28.63 -27.66
CA VAL A 536 5.72 -28.84 -27.11
C VAL A 536 5.48 -30.34 -27.00
N GLU A 537 5.08 -30.80 -25.81
CA GLU A 537 4.91 -32.22 -25.54
C GLU A 537 3.49 -32.49 -25.05
N LEU A 538 2.85 -33.48 -25.65
CA LEU A 538 1.55 -33.98 -25.23
C LEU A 538 1.75 -35.36 -24.62
N VAL A 539 1.33 -35.53 -23.36
CA VAL A 539 1.56 -36.76 -22.63
C VAL A 539 0.48 -37.81 -22.85
N ALA A 540 -0.66 -37.44 -23.46
CA ALA A 540 -1.74 -38.39 -23.68
C ALA A 540 -1.35 -39.43 -24.74
N GLU A 541 -0.61 -39.02 -25.76
CA GLU A 541 -0.12 -39.94 -26.77
C GLU A 541 1.41 -39.97 -26.83
N GLN A 542 2.08 -39.27 -25.91
CA GLN A 542 3.54 -39.21 -25.78
C GLN A 542 4.20 -38.72 -27.06
N LYS A 543 3.85 -37.49 -27.45
CA LYS A 543 4.33 -36.90 -28.69
C LYS A 543 4.89 -35.52 -28.42
N ASN A 544 6.16 -35.30 -28.75
CA ASN A 544 6.82 -34.03 -28.52
C ASN A 544 7.41 -33.53 -29.83
N GLN A 545 7.19 -32.26 -30.13
CA GLN A 545 7.63 -31.64 -31.37
C GLN A 545 8.42 -30.39 -31.10
N THR A 546 9.33 -30.05 -32.01
CA THR A 546 10.09 -28.80 -31.92
C THR A 546 9.41 -27.74 -32.76
N LEU A 547 9.40 -26.50 -32.26
CA LEU A 547 8.76 -25.39 -32.94
C LEU A 547 9.79 -24.35 -33.35
N ARG A 548 9.51 -23.65 -34.44
CA ARG A 548 10.33 -22.57 -34.94
C ARG A 548 9.55 -21.26 -34.88
N GLU A 549 10.24 -20.17 -35.22
CA GLU A 549 9.64 -18.85 -35.14
C GLU A 549 8.57 -18.66 -36.21
N GLY A 550 7.43 -18.11 -35.80
CA GLY A 550 6.30 -17.90 -36.69
C GLY A 550 5.40 -19.10 -36.86
N GLU A 551 5.80 -20.28 -36.39
CA GLU A 551 4.98 -21.47 -36.53
C GLU A 551 3.78 -21.43 -35.59
N LYS A 552 2.72 -22.11 -35.97
CA LYS A 552 1.47 -22.15 -35.21
C LYS A 552 1.07 -23.60 -34.99
N MET A 553 0.52 -23.88 -33.82
CA MET A 553 0.08 -25.24 -33.48
C MET A 553 -1.29 -25.17 -32.82
N GLN A 554 -2.04 -26.26 -32.92
CA GLN A 554 -3.37 -26.36 -32.34
C GLN A 554 -3.33 -27.36 -31.19
N LEU A 555 -3.57 -26.88 -29.96
CA LEU A 555 -3.46 -27.76 -28.82
C LEU A 555 -4.71 -28.62 -28.66
N PRO A 556 -4.55 -29.84 -28.15
CA PRO A 556 -5.73 -30.66 -27.82
C PRO A 556 -6.49 -30.10 -26.61
N ALA A 557 -7.79 -30.36 -26.60
CA ALA A 557 -8.66 -29.90 -25.53
C ALA A 557 -9.01 -31.05 -24.61
N GLY A 558 -8.82 -30.85 -23.31
CA GLY A 558 -9.11 -31.86 -22.32
C GLY A 558 -7.93 -32.69 -21.85
N GLU A 559 -6.71 -32.32 -22.25
CA GLU A 559 -5.52 -33.08 -21.91
C GLU A 559 -4.46 -32.17 -21.32
N TYR A 560 -3.45 -32.78 -20.69
CA TYR A 560 -2.31 -32.05 -20.14
C TYR A 560 -1.26 -31.86 -21.22
N HIS A 561 -0.65 -30.68 -21.25
CA HIS A 561 0.41 -30.38 -22.19
C HIS A 561 1.55 -29.67 -21.46
N LYS A 562 2.75 -29.76 -22.04
CA LYS A 562 3.93 -29.12 -21.48
C LYS A 562 4.69 -28.39 -22.58
N VAL A 563 5.29 -27.27 -22.21
CA VAL A 563 6.20 -26.53 -23.08
C VAL A 563 7.56 -26.45 -22.41
N TYR A 564 8.60 -26.83 -23.14
CA TYR A 564 9.98 -26.80 -22.68
C TYR A 564 10.77 -25.82 -23.52
N THR A 565 11.68 -25.09 -22.87
CA THR A 565 12.60 -24.22 -23.57
C THR A 565 13.90 -24.99 -23.82
N THR A 566 14.25 -25.17 -25.08
CA THR A 566 15.41 -25.95 -25.49
C THR A 566 16.42 -25.09 -26.24
N SER A 567 16.57 -23.84 -25.80
CA SER A 567 17.52 -22.91 -26.37
C SER A 567 18.31 -22.26 -25.25
N PRO A 568 19.54 -21.82 -25.54
CA PRO A 568 20.30 -21.07 -24.52
C PRO A 568 19.70 -19.73 -24.16
N SER A 569 18.86 -19.14 -25.02
CA SER A 569 18.22 -17.85 -24.79
C SER A 569 16.83 -18.05 -24.21
N PRO A 570 16.34 -17.09 -23.42
CA PRO A 570 14.94 -17.14 -22.97
C PRO A 570 13.98 -16.98 -24.14
N SER A 571 12.81 -17.59 -24.01
CA SER A 571 11.84 -17.64 -25.10
C SER A 571 10.63 -16.79 -24.78
N CYS A 572 10.01 -16.26 -25.84
CA CYS A 572 8.80 -15.45 -25.73
C CYS A 572 7.76 -16.02 -26.68
N TYR A 573 6.53 -16.19 -26.19
CA TYR A 573 5.47 -16.76 -27.02
C TYR A 573 4.13 -16.27 -26.51
N MET A 574 3.07 -16.64 -27.23
CA MET A 574 1.74 -16.10 -26.98
C MET A 574 0.69 -17.19 -27.15
N TYR A 575 -0.26 -17.22 -26.24
CA TYR A 575 -1.42 -18.10 -26.31
C TYR A 575 -2.59 -17.33 -26.89
N VAL A 576 -3.19 -17.87 -27.95
CA VAL A 576 -4.37 -17.29 -28.59
C VAL A 576 -5.50 -18.29 -28.44
N TYR A 577 -6.48 -17.97 -27.61
CA TYR A 577 -7.56 -18.90 -27.34
C TYR A 577 -8.80 -18.12 -26.92
N VAL A 578 -9.96 -18.73 -27.15
CA VAL A 578 -11.24 -18.15 -26.70
C VAL A 578 -12.18 -19.31 -26.39
N ASN A 579 -12.66 -19.36 -25.14
CA ASN A 579 -13.36 -20.53 -24.64
C ASN A 579 -14.69 -20.21 -23.96
N THR A 580 -14.76 -19.03 -23.35
CA THR A 580 -15.59 -18.81 -22.18
C THR A 580 -17.06 -18.60 -22.53
N THR A 581 -17.83 -18.17 -21.51
CA THR A 581 -19.24 -17.83 -21.68
C THR A 581 -19.44 -16.69 -22.66
N GLU A 582 -18.43 -15.82 -22.82
CA GLU A 582 -18.46 -14.84 -23.90
C GLU A 582 -18.49 -15.51 -25.27
N LEU A 583 -17.68 -16.56 -25.45
CA LEU A 583 -17.69 -17.32 -26.70
C LEU A 583 -19.03 -18.04 -26.92
N ALA A 584 -19.54 -18.67 -25.86
CA ALA A 584 -20.82 -19.37 -25.96
C ALA A 584 -21.97 -18.42 -26.25
N LEU A 585 -21.99 -17.25 -25.59
CA LEU A 585 -23.02 -16.26 -25.84
C LEU A 585 -22.84 -15.60 -27.19
N GLU A 586 -21.61 -15.51 -27.70
CA GLU A 586 -21.41 -14.95 -29.03
C GLU A 586 -21.92 -15.92 -30.11
N GLN A 587 -21.67 -17.22 -29.93
CA GLN A 587 -22.21 -18.22 -30.84
C GLN A 587 -23.74 -18.26 -30.80
N ASP A 588 -24.32 -18.21 -29.59
CA ASP A 588 -25.77 -18.19 -29.45
C ASP A 588 -26.37 -16.88 -29.98
N LEU A 589 -25.63 -15.77 -29.88
CA LEU A 589 -26.10 -14.49 -30.39
C LEU A 589 -26.06 -14.47 -31.91
N ALA A 590 -25.05 -15.10 -32.52
CA ALA A 590 -25.00 -15.22 -33.97
C ALA A 590 -26.12 -16.11 -34.48
N TYR A 591 -26.38 -17.22 -33.78
CA TYR A 591 -27.51 -18.09 -34.13
C TYR A 591 -28.85 -17.38 -34.00
N LEU A 592 -29.02 -16.62 -32.91
CA LEU A 592 -30.27 -15.90 -32.68
C LEU A 592 -30.44 -14.75 -33.68
N GLN A 593 -29.34 -14.10 -34.07
CA GLN A 593 -29.40 -13.03 -35.07
C GLN A 593 -29.75 -13.59 -36.44
N GLU A 594 -29.18 -14.74 -36.80
CA GLU A 594 -29.52 -15.38 -38.06
C GLU A 594 -30.98 -15.82 -38.10
N LEU A 595 -31.48 -16.41 -37.01
CA LEU A 595 -32.89 -16.78 -36.93
C LEU A 595 -33.80 -15.55 -36.95
N LYS A 596 -33.36 -14.47 -36.29
CA LYS A 596 -34.12 -13.23 -36.27
C LYS A 596 -34.27 -12.64 -37.66
N GLU A 597 -33.14 -12.45 -38.35
CA GLU A 597 -33.13 -11.91 -39.71
C GLU A 597 -33.78 -12.85 -40.72
N LYS A 598 -33.87 -14.15 -40.42
CA LYS A 598 -34.64 -15.03 -41.28
C LYS A 598 -36.13 -14.81 -41.10
N VAL A 599 -36.65 -15.03 -39.89
CA VAL A 599 -38.10 -15.06 -39.66
C VAL A 599 -38.54 -14.07 -38.59
N GLU A 600 -37.82 -14.00 -37.48
CA GLU A 600 -38.42 -13.71 -36.18
C GLU A 600 -37.86 -12.44 -35.54
N ASN A 601 -38.23 -12.21 -34.28
CA ASN A 601 -37.69 -11.15 -33.48
C ASN A 601 -36.39 -11.59 -32.80
N GLY A 602 -35.83 -10.73 -31.98
CA GLY A 602 -34.60 -11.05 -31.25
C GLY A 602 -34.84 -11.74 -29.93
N GLU A 625 -37.86 -28.04 -11.66
CA GLU A 625 -36.44 -27.70 -11.70
C GLU A 625 -36.24 -26.25 -12.13
N PRO A 626 -35.35 -25.55 -11.44
CA PRO A 626 -35.10 -24.14 -11.76
C PRO A 626 -34.17 -24.00 -12.97
N THR A 627 -33.88 -22.74 -13.31
CA THR A 627 -33.02 -22.39 -14.44
C THR A 627 -31.88 -21.53 -13.90
N PRO A 628 -30.72 -22.14 -13.61
CA PRO A 628 -29.59 -21.36 -13.06
C PRO A 628 -29.04 -20.28 -13.98
N LEU A 629 -29.07 -20.50 -15.31
CA LEU A 629 -28.55 -19.49 -16.23
C LEU A 629 -29.46 -18.28 -16.30
N VAL A 630 -30.78 -18.51 -16.37
CA VAL A 630 -31.75 -17.42 -16.39
C VAL A 630 -31.73 -16.66 -15.07
N GLN A 631 -31.61 -17.38 -13.94
CA GLN A 631 -31.49 -16.73 -12.64
C GLN A 631 -30.20 -15.94 -12.51
N THR A 632 -29.10 -16.44 -13.11
CA THR A 632 -27.84 -15.69 -13.08
C THR A 632 -27.93 -14.42 -13.92
N PHE A 633 -28.58 -14.50 -15.09
CA PHE A 633 -28.78 -13.31 -15.92
C PHE A 633 -29.68 -12.30 -15.23
N LEU A 634 -30.74 -12.77 -14.56
CA LEU A 634 -31.60 -11.87 -13.79
C LEU A 634 -30.88 -11.29 -12.58
N ARG A 635 -29.94 -12.04 -12.00
CA ARG A 635 -29.15 -11.52 -10.89
C ARG A 635 -28.18 -10.44 -11.37
N ARG A 636 -27.60 -10.61 -12.56
CA ARG A 636 -26.76 -9.57 -13.14
C ARG A 636 -27.57 -8.32 -13.49
N GLN A 637 -28.78 -8.52 -14.02
CA GLN A 637 -29.67 -7.39 -14.29
C GLN A 637 -30.08 -6.67 -13.00
N GLN A 638 -30.34 -7.43 -11.94
CA GLN A 638 -30.67 -6.85 -10.65
C GLN A 638 -29.47 -6.14 -10.03
N ARG A 639 -28.25 -6.62 -10.29
CA ARG A 639 -27.05 -5.93 -9.84
C ARG A 639 -26.88 -4.60 -10.56
N LEU A 640 -27.13 -4.57 -11.87
CA LEU A 640 -27.09 -3.32 -12.63
C LEU A 640 -28.17 -2.36 -12.16
N GLN A 641 -29.37 -2.86 -11.89
CA GLN A 641 -30.45 -2.03 -11.36
C GLN A 641 -30.15 -1.53 -9.95
N GLU A 642 -29.43 -2.32 -9.15
CA GLU A 642 -29.04 -1.88 -7.82
C GLU A 642 -27.96 -0.81 -7.87
N ILE A 643 -27.05 -0.92 -8.85
CA ILE A 643 -26.07 0.15 -9.08
C ILE A 643 -26.76 1.44 -9.51
N GLU A 644 -27.74 1.33 -10.42
CA GLU A 644 -28.52 2.50 -10.84
C GLU A 644 -29.34 3.08 -9.70
N ARG A 645 -29.87 2.23 -8.82
CA ARG A 645 -30.64 2.70 -7.67
C ARG A 645 -29.74 3.39 -6.65
N ARG A 646 -28.52 2.85 -6.44
CA ARG A 646 -27.54 3.48 -5.57
C ARG A 646 -27.11 4.85 -6.11
N ARG A 647 -27.00 4.95 -7.45
CA ARG A 647 -26.76 6.25 -8.06
C ARG A 647 -27.96 7.19 -7.85
N ASN A 648 -29.18 6.66 -7.92
CA ASN A 648 -30.37 7.45 -7.68
C ASN A 648 -30.69 7.63 -6.20
N THR A 649 -30.03 6.88 -5.31
CA THR A 649 -30.31 6.98 -3.88
C THR A 649 -29.77 8.30 -3.33
N PRO A 650 -30.56 9.07 -2.59
CA PRO A 650 -30.02 10.24 -1.89
C PRO A 650 -29.04 9.85 -0.80
N PHE A 651 -28.15 10.80 -0.50
CA PHE A 651 -26.94 10.51 0.29
C PHE A 651 -27.23 10.24 1.76
N HIS A 652 -28.41 10.61 2.27
CA HIS A 652 -28.65 10.55 3.72
C HIS A 652 -28.76 9.11 4.22
N GLU A 653 -29.33 8.20 3.43
CA GLU A 653 -29.42 6.80 3.85
C GLU A 653 -28.03 6.15 3.93
N ARG A 654 -27.19 6.40 2.92
CA ARG A 654 -25.83 5.87 2.94
C ARG A 654 -25.00 6.51 4.06
N PHE A 655 -25.21 7.80 4.33
CA PHE A 655 -24.54 8.47 5.42
C PHE A 655 -24.96 7.89 6.78
N PHE A 656 -26.25 7.60 6.94
CA PHE A 656 -26.74 6.99 8.17
C PHE A 656 -26.18 5.58 8.36
N ARG A 657 -26.10 4.79 7.28
CA ARG A 657 -25.51 3.46 7.36
C ARG A 657 -24.01 3.53 7.69
N PHE A 658 -23.30 4.49 7.10
CA PHE A 658 -21.88 4.68 7.40
C PHE A 658 -21.67 5.09 8.85
N LEU A 659 -22.50 6.00 9.36
CA LEU A 659 -22.39 6.43 10.75
C LEU A 659 -22.74 5.28 11.70
N LEU A 660 -23.73 4.46 11.35
CA LEU A 660 -24.07 3.30 12.18
C LEU A 660 -22.94 2.28 12.20
N ARG A 661 -22.29 2.04 11.06
CA ARG A 661 -21.15 1.12 11.01
C ARG A 661 -19.97 1.65 11.82
N LYS A 662 -19.70 2.95 11.74
CA LYS A 662 -18.62 3.55 12.51
C LYS A 662 -18.92 3.52 14.01
N LEU A 663 -20.17 3.77 14.38
CA LEU A 663 -20.56 3.69 15.79
C LEU A 663 -20.48 2.27 16.31
N TYR A 664 -20.80 1.28 15.47
CA TYR A 664 -20.63 -0.12 15.83
C TYR A 664 -19.16 -0.46 16.04
N VAL A 665 -18.28 0.06 15.18
CA VAL A 665 -16.84 -0.18 15.30
C VAL A 665 -16.30 0.42 16.59
N PHE A 666 -16.68 1.68 16.87
CA PHE A 666 -16.23 2.35 18.08
C PHE A 666 -16.77 1.68 19.34
N ARG A 667 -18.04 1.26 19.33
CA ARG A 667 -18.63 0.59 20.47
C ARG A 667 -17.99 -0.77 20.71
N ARG A 668 -17.71 -1.52 19.64
CA ARG A 668 -17.03 -2.81 19.78
C ARG A 668 -15.62 -2.65 20.32
N SER A 669 -14.91 -1.62 19.86
CA SER A 669 -13.56 -1.36 20.35
C SER A 669 -13.56 -0.98 21.83
N PHE A 670 -14.48 -0.10 22.23
CA PHE A 670 -14.58 0.32 23.63
C PHE A 670 -15.01 -0.85 24.53
N LEU A 671 -15.95 -1.67 24.07
CA LEU A 671 -16.41 -2.80 24.87
C LEU A 671 -15.33 -3.87 25.01
N MET A 672 -14.57 -4.13 23.94
CA MET A 672 -13.48 -5.08 24.02
C MET A 672 -12.36 -4.57 24.93
N THR A 673 -12.09 -3.26 24.88
CA THR A 673 -11.10 -2.67 25.79
C THR A 673 -11.54 -2.78 27.25
N CYS A 674 -12.83 -2.53 27.51
CA CYS A 674 -13.36 -2.66 28.88
C CYS A 674 -13.33 -4.10 29.37
N ILE A 675 -13.68 -5.05 28.50
CA ILE A 675 -13.65 -6.47 28.85
C ILE A 675 -12.23 -6.93 29.14
N SER A 676 -11.26 -6.50 28.31
CA SER A 676 -9.87 -6.87 28.53
C SER A 676 -9.31 -6.24 29.79
N LEU A 677 -9.71 -5.00 30.10
CA LEU A 677 -9.25 -4.36 31.33
C LEU A 677 -9.85 -5.03 32.57
N ARG A 678 -11.12 -5.46 32.48
CA ARG A 678 -11.73 -6.18 33.58
C ARG A 678 -11.09 -7.55 33.78
N ASN A 679 -10.71 -8.22 32.69
CA ASN A 679 -10.02 -9.49 32.80
C ASN A 679 -8.60 -9.32 33.32
N LEU A 680 -7.95 -8.20 33.00
CA LEU A 680 -6.60 -7.95 33.51
C LEU A 680 -6.62 -7.59 34.99
N ILE A 681 -7.60 -6.82 35.43
CA ILE A 681 -7.64 -6.35 36.81
C ILE A 681 -8.33 -7.37 37.70
N LEU A 682 -9.57 -7.73 37.38
CA LEU A 682 -10.41 -8.54 38.24
C LEU A 682 -10.30 -10.03 37.96
N GLY A 683 -9.41 -10.44 37.06
CA GLY A 683 -9.25 -11.84 36.76
C GLY A 683 -10.25 -12.35 35.72
N ARG A 684 -10.12 -13.63 35.41
CA ARG A 684 -10.93 -14.25 34.37
C ARG A 684 -12.10 -15.00 34.99
N PRO A 685 -13.35 -14.59 34.72
CA PRO A 685 -14.51 -15.35 35.22
C PRO A 685 -14.77 -16.64 34.45
N SER A 686 -15.88 -17.30 34.77
CA SER A 686 -16.28 -18.52 34.09
C SER A 686 -16.64 -18.23 32.63
N LEU A 687 -16.57 -19.28 31.81
CA LEU A 687 -16.65 -19.13 30.36
C LEU A 687 -18.05 -18.79 29.88
N GLU A 688 -19.09 -19.12 30.66
CA GLU A 688 -20.46 -18.82 30.25
C GLU A 688 -20.71 -17.31 30.23
N GLN A 689 -20.28 -16.61 31.29
CA GLN A 689 -20.44 -15.17 31.36
C GLN A 689 -19.57 -14.47 30.32
N LEU A 690 -18.37 -14.99 30.06
CA LEU A 690 -17.51 -14.44 29.02
C LEU A 690 -18.11 -14.61 27.63
N ALA A 691 -18.71 -15.78 27.36
CA ALA A 691 -19.38 -15.99 26.08
C ALA A 691 -20.61 -15.11 25.94
N GLN A 692 -21.35 -14.89 27.03
CA GLN A 692 -22.49 -13.97 27.01
C GLN A 692 -22.04 -12.55 26.73
N GLU A 693 -20.93 -12.12 27.33
CA GLU A 693 -20.40 -10.77 27.07
C GLU A 693 -19.85 -10.64 25.66
N VAL A 694 -19.27 -11.70 25.11
CA VAL A 694 -18.81 -11.69 23.72
C VAL A 694 -20.00 -11.57 22.77
N THR A 695 -21.07 -12.32 23.03
CA THR A 695 -22.28 -12.24 22.22
C THR A 695 -22.94 -10.87 22.33
N TYR A 696 -22.95 -10.29 23.53
CA TYR A 696 -23.53 -8.97 23.73
C TYR A 696 -22.70 -7.88 23.06
N ALA A 697 -21.37 -8.04 23.05
CA ALA A 697 -20.51 -7.04 22.43
C ALA A 697 -20.62 -7.05 20.90
N ASN A 698 -20.75 -8.22 20.30
CA ASN A 698 -20.82 -8.33 18.84
C ASN A 698 -22.20 -7.96 18.29
N LEU A 699 -23.20 -7.74 19.14
CA LEU A 699 -24.51 -7.35 18.69
C LEU A 699 -24.51 -5.91 18.18
N ARG A 700 -25.16 -5.70 17.03
CA ARG A 700 -25.33 -4.36 16.52
C ARG A 700 -26.28 -3.57 17.42
N PRO A 701 -26.02 -2.26 17.65
CA PRO A 701 -26.88 -1.47 18.55
C PRO A 701 -28.31 -1.30 18.06
N PHE A 702 -28.45 -0.75 16.85
CA PHE A 702 -29.75 -0.47 16.19
C PHE A 702 -30.76 0.28 17.05
#